data_2W48
#
_entry.id   2W48
#
_cell.length_a   91.670
_cell.length_b   113.330
_cell.length_c   184.150
_cell.angle_alpha   90.00
_cell.angle_beta   90.00
_cell.angle_gamma   90.00
#
_symmetry.space_group_name_H-M   'P 21 21 21'
#
loop_
_entity.id
_entity.type
_entity.pdbx_description
1 polymer 'SORBITOL OPERON REGULATOR'
2 non-polymer GLYCEROL
3 non-polymer (4S)-2-METHYL-2,4-PENTANEDIOL
4 non-polymer 'CHLORIDE ION'
5 non-polymer (4R)-2-METHYLPENTANE-2,4-DIOL
6 water water
#
_entity_poly.entity_id   1
_entity_poly.type   'polypeptide(L)'
_entity_poly.pdbx_seq_one_letter_code
;MENSDDIRLIVKIAQLYYEQDMTQAQIARELGIYRTTISRLLKRGREQGIVTIAINYDYNENLWLEQQLKQKFGLKEAVV
ASSDGLLEEEQLSAMGQHGALLVDRLLEPGDIIGFSWGRAVRSLVENLPQRSQSRQVICVPIIGGPSGKLESRYHVNTLT
YGAAARLKAESHLADFPALLDNPLIRNGIMQSQHFKTISSYWDSLDVALVGIGSPAIRDGANWHAFYGSEESDDLNARHV
AGDICSRFYDINGGLVDTNMSEKTLSIEMAKLRQARYSIGIAMGEEKYSGILGALHGRYINCLVTNRETAELLLK
;
_entity_poly.pdbx_strand_id   A,B,C,D
#
# COMPACT_ATOMS: atom_id res chain seq x y z
N SER A 4 28.49 -25.44 -43.24
CA SER A 4 29.42 -25.28 -42.12
C SER A 4 30.81 -24.81 -42.58
N ASP A 5 31.72 -24.76 -41.60
CA ASP A 5 33.12 -24.31 -41.78
C ASP A 5 33.22 -22.80 -41.97
N ASP A 6 32.39 -22.26 -42.86
CA ASP A 6 32.21 -20.83 -42.93
C ASP A 6 31.44 -20.37 -41.66
N ILE A 7 31.05 -21.34 -40.83
CA ILE A 7 30.40 -21.06 -39.55
C ILE A 7 31.42 -20.58 -38.52
N ARG A 8 32.62 -21.13 -38.57
CA ARG A 8 33.69 -20.69 -37.71
C ARG A 8 34.00 -19.23 -38.00
N LEU A 9 33.98 -18.89 -39.28
CA LEU A 9 34.30 -17.55 -39.76
C LEU A 9 33.19 -16.54 -39.39
N ILE A 10 31.93 -16.91 -39.62
CA ILE A 10 30.80 -16.08 -39.22
C ILE A 10 30.98 -15.68 -37.77
N VAL A 11 31.18 -16.65 -36.89
CA VAL A 11 31.53 -16.34 -35.52
C VAL A 11 32.78 -15.45 -35.47
N LYS A 12 33.86 -15.90 -36.08
CA LYS A 12 35.16 -15.25 -36.02
C LYS A 12 35.10 -13.80 -36.49
N ILE A 13 34.17 -13.54 -37.41
CA ILE A 13 33.90 -12.19 -37.90
C ILE A 13 33.00 -11.40 -36.96
N ALA A 14 31.88 -11.99 -36.55
CA ALA A 14 30.99 -11.37 -35.57
C ALA A 14 31.76 -10.97 -34.33
N GLN A 15 32.71 -11.82 -33.94
CA GLN A 15 33.61 -11.54 -32.83
C GLN A 15 34.26 -10.19 -33.04
N LEU A 16 34.88 -10.00 -34.20
CA LEU A 16 35.59 -8.76 -34.49
C LEU A 16 34.72 -7.51 -34.74
N TYR A 17 33.49 -7.73 -35.19
CA TYR A 17 32.58 -6.62 -35.45
C TYR A 17 32.02 -6.14 -34.12
N TYR A 18 31.62 -7.09 -33.27
CA TYR A 18 30.84 -6.80 -32.05
C TYR A 18 31.67 -6.75 -30.77
N GLU A 19 32.83 -7.38 -30.77
CA GLU A 19 33.68 -7.42 -29.60
C GLU A 19 34.88 -6.51 -29.68
N GLN A 20 35.24 -6.07 -30.87
CA GLN A 20 36.33 -5.13 -31.02
C GLN A 20 35.72 -3.95 -31.69
N ASP A 21 34.41 -3.97 -31.76
CA ASP A 21 33.72 -3.02 -32.55
C ASP A 21 34.62 -2.50 -33.65
N MET A 22 35.20 -3.39 -34.45
CA MET A 22 35.92 -3.01 -35.67
C MET A 22 34.94 -2.65 -36.77
N THR A 23 35.41 -1.89 -37.76
CA THR A 23 34.58 -1.56 -38.92
C THR A 23 34.77 -2.62 -39.97
N GLN A 24 33.71 -2.88 -40.72
CA GLN A 24 33.77 -3.89 -41.78
C GLN A 24 35.00 -3.73 -42.67
N ALA A 25 35.22 -2.52 -43.18
CA ALA A 25 36.44 -2.16 -43.87
C ALA A 25 37.69 -2.73 -43.17
N GLN A 26 37.76 -2.62 -41.85
CA GLN A 26 38.88 -3.16 -41.09
C GLN A 26 38.89 -4.68 -41.10
N ILE A 27 37.76 -5.27 -40.71
CA ILE A 27 37.62 -6.72 -40.69
C ILE A 27 38.04 -7.26 -42.05
N ALA A 28 37.47 -6.69 -43.09
CA ALA A 28 37.75 -7.13 -44.42
C ALA A 28 39.20 -7.09 -44.68
N ARG A 29 39.90 -6.30 -43.91
CA ARG A 29 41.26 -6.00 -44.27
C ARG A 29 42.15 -6.95 -43.57
N GLU A 30 42.11 -6.93 -42.28
CA GLU A 30 42.93 -7.88 -41.59
C GLU A 30 42.81 -9.15 -42.35
N LEU A 31 41.68 -9.82 -42.20
CA LEU A 31 41.50 -11.14 -42.76
C LEU A 31 41.82 -11.35 -44.21
N GLY A 32 41.93 -10.32 -45.01
CA GLY A 32 42.06 -10.54 -46.46
C GLY A 32 40.82 -11.04 -47.19
N ILE A 33 39.63 -10.70 -46.70
CA ILE A 33 38.36 -11.06 -47.34
C ILE A 33 37.91 -9.83 -48.14
N TYR A 34 37.24 -10.03 -49.27
CA TYR A 34 36.59 -8.89 -49.90
C TYR A 34 35.62 -8.29 -48.91
N ARG A 35 35.71 -6.99 -48.66
CA ARG A 35 34.78 -6.36 -47.73
C ARG A 35 33.34 -6.79 -48.01
N THR A 36 33.07 -7.19 -49.24
CA THR A 36 31.71 -7.46 -49.61
C THR A 36 31.23 -8.81 -49.05
N THR A 37 32.12 -9.80 -48.92
CA THR A 37 31.69 -11.05 -48.30
C THR A 37 31.63 -10.95 -46.79
N ILE A 38 32.45 -10.07 -46.22
CA ILE A 38 32.35 -9.75 -44.80
C ILE A 38 30.92 -9.32 -44.50
N SER A 39 30.33 -8.56 -45.40
CA SER A 39 28.96 -8.12 -45.21
C SER A 39 27.95 -9.21 -45.48
N ARG A 40 28.21 -10.05 -46.49
CA ARG A 40 27.31 -11.15 -46.78
C ARG A 40 27.26 -12.03 -45.54
N LEU A 41 28.42 -12.25 -44.94
CA LEU A 41 28.57 -13.14 -43.79
C LEU A 41 27.88 -12.63 -42.52
N LEU A 42 27.89 -11.32 -42.32
CA LEU A 42 27.13 -10.75 -41.21
C LEU A 42 25.66 -10.95 -41.48
N LYS A 43 25.19 -10.45 -42.61
CA LYS A 43 23.79 -10.62 -42.98
C LYS A 43 23.38 -12.03 -42.61
N ARG A 44 24.14 -13.00 -43.11
CA ARG A 44 23.85 -14.41 -42.84
C ARG A 44 23.86 -14.71 -41.34
N GLY A 45 25.00 -14.44 -40.70
CA GLY A 45 25.16 -14.73 -39.29
C GLY A 45 23.91 -14.41 -38.47
N ARG A 46 23.23 -13.33 -38.82
CA ARG A 46 22.04 -12.96 -38.10
C ARG A 46 20.84 -13.71 -38.62
N GLU A 47 20.77 -13.87 -39.94
CA GLU A 47 19.63 -14.55 -40.56
C GLU A 47 19.47 -15.97 -40.03
N GLN A 48 20.60 -16.60 -39.73
CA GLN A 48 20.55 -17.97 -39.28
C GLN A 48 20.67 -18.10 -37.77
N GLY A 49 20.53 -16.99 -37.07
CA GLY A 49 20.52 -17.01 -35.61
C GLY A 49 21.84 -17.38 -34.97
N ILE A 50 22.91 -17.47 -35.74
CA ILE A 50 24.21 -17.57 -35.11
C ILE A 50 24.43 -16.32 -34.29
N VAL A 51 23.80 -15.22 -34.74
CA VAL A 51 23.97 -13.93 -34.07
C VAL A 51 22.61 -13.28 -33.92
N THR A 52 22.31 -12.86 -32.69
CA THR A 52 21.04 -12.25 -32.43
C THR A 52 21.22 -10.86 -31.83
N ILE A 53 20.34 -9.94 -32.21
CA ILE A 53 20.45 -8.56 -31.77
C ILE A 53 19.13 -8.10 -31.19
N ALA A 54 19.13 -7.92 -29.87
CA ALA A 54 17.96 -7.50 -29.15
C ALA A 54 18.01 -6.01 -28.92
N ILE A 55 16.98 -5.31 -29.41
CA ILE A 55 16.80 -3.90 -29.07
C ILE A 55 15.59 -3.75 -28.14
N ASN A 56 15.82 -3.32 -26.90
CA ASN A 56 14.78 -3.34 -25.87
C ASN A 56 13.91 -2.10 -25.87
N TYR A 57 12.81 -2.17 -26.61
CA TYR A 57 12.02 -0.99 -26.95
C TYR A 57 11.41 -0.33 -25.74
N ASP A 58 10.90 -1.14 -24.82
CA ASP A 58 10.38 -0.60 -23.57
C ASP A 58 11.52 -0.51 -22.58
N TYR A 59 12.53 0.26 -22.95
CA TYR A 59 13.67 0.48 -22.09
C TYR A 59 13.36 1.62 -21.16
N ASN A 60 13.75 1.40 -19.90
CA ASN A 60 13.58 2.36 -18.80
C ASN A 60 14.90 2.91 -18.30
N GLU A 61 15.25 4.11 -18.73
CA GLU A 61 16.49 4.72 -18.29
C GLU A 61 16.64 4.84 -16.75
N ASN A 62 15.66 5.43 -16.11
CA ASN A 62 15.72 5.56 -14.68
C ASN A 62 15.88 4.19 -14.15
N LEU A 63 14.93 3.33 -14.42
CA LEU A 63 15.07 2.00 -13.93
C LEU A 63 16.48 1.52 -14.03
N TRP A 64 17.12 1.68 -15.16
CA TRP A 64 18.47 1.17 -15.29
C TRP A 64 19.39 1.84 -14.31
N LEU A 65 19.41 3.15 -14.30
CA LEU A 65 20.22 3.91 -13.35
C LEU A 65 20.13 3.41 -11.89
N GLU A 66 18.92 3.03 -11.47
CA GLU A 66 18.72 2.46 -10.15
C GLU A 66 19.59 1.21 -9.92
N GLN A 67 19.51 0.24 -10.83
CA GLN A 67 20.30 -0.99 -10.75
C GLN A 67 21.80 -0.67 -10.75
N GLN A 68 22.16 0.33 -11.56
CA GLN A 68 23.54 0.78 -11.67
C GLN A 68 24.06 1.32 -10.33
N LEU A 69 23.22 2.11 -9.67
CA LEU A 69 23.53 2.64 -8.35
C LEU A 69 23.60 1.52 -7.34
N LYS A 70 22.63 0.60 -7.38
CA LYS A 70 22.63 -0.52 -6.46
C LYS A 70 23.89 -1.34 -6.61
N GLN A 71 24.27 -1.62 -7.84
CA GLN A 71 25.45 -2.43 -8.09
C GLN A 71 26.68 -1.72 -7.55
N LYS A 72 26.86 -0.47 -7.96
CA LYS A 72 28.08 0.27 -7.63
C LYS A 72 28.31 0.41 -6.12
N PHE A 73 27.23 0.63 -5.37
CA PHE A 73 27.30 0.98 -3.96
C PHE A 73 26.72 -0.07 -2.99
N GLY A 74 26.19 -1.16 -3.54
CA GLY A 74 25.65 -2.20 -2.69
C GLY A 74 24.47 -1.72 -1.87
N LEU A 75 23.57 -1.02 -2.55
CA LEU A 75 22.38 -0.49 -1.90
C LEU A 75 21.28 -1.55 -1.96
N LYS A 76 20.45 -1.61 -0.94
CA LYS A 76 19.32 -2.50 -0.93
C LYS A 76 18.24 -2.01 -1.84
N GLU A 77 18.28 -0.75 -2.19
CA GLU A 77 17.25 -0.24 -3.06
C GLU A 77 17.60 1.17 -3.46
N ALA A 78 16.98 1.68 -4.49
CA ALA A 78 17.30 3.03 -4.92
C ALA A 78 16.22 3.48 -5.84
N VAL A 79 15.94 4.77 -5.85
CA VAL A 79 14.97 5.32 -6.79
C VAL A 79 15.48 6.60 -7.43
N VAL A 80 15.54 6.59 -8.75
CA VAL A 80 15.90 7.77 -9.52
C VAL A 80 14.65 8.32 -10.21
N ALA A 81 14.45 9.63 -10.15
CA ALA A 81 13.20 10.24 -10.63
C ALA A 81 13.46 11.34 -11.64
N SER A 82 12.44 11.83 -12.33
CA SER A 82 12.68 13.00 -13.19
C SER A 82 11.46 13.90 -13.40
N SER A 83 11.71 15.12 -13.88
CA SER A 83 10.63 16.06 -14.18
C SER A 83 11.03 17.03 -15.28
N GLU A 88 13.43 21.78 -10.28
CA GLU A 88 13.83 23.00 -9.58
C GLU A 88 13.48 22.86 -8.09
N GLU A 89 12.19 22.73 -7.85
CA GLU A 89 11.63 22.33 -6.58
C GLU A 89 10.60 21.38 -7.10
N GLU A 90 10.24 21.63 -8.35
CA GLU A 90 9.35 20.76 -9.07
C GLU A 90 10.08 19.47 -9.24
N GLN A 91 11.40 19.47 -9.05
CA GLN A 91 11.99 18.18 -9.24
C GLN A 91 12.35 17.44 -7.96
N LEU A 92 12.37 18.17 -6.86
CA LEU A 92 12.31 17.60 -5.52
C LEU A 92 10.97 16.89 -5.32
N SER A 93 9.96 17.36 -6.04
CA SER A 93 8.64 16.79 -5.94
C SER A 93 8.57 15.42 -6.62
N ALA A 94 9.28 15.26 -7.73
CA ALA A 94 9.35 13.96 -8.40
C ALA A 94 9.97 12.95 -7.47
N MET A 95 11.05 13.37 -6.80
CA MET A 95 11.72 12.52 -5.82
C MET A 95 10.75 12.19 -4.72
N GLY A 96 10.06 13.22 -4.25
CA GLY A 96 9.09 13.07 -3.18
C GLY A 96 8.09 11.97 -3.42
N GLN A 97 7.52 11.93 -4.61
CA GLN A 97 6.48 10.96 -4.92
C GLN A 97 6.98 9.53 -4.99
N HIS A 98 8.11 9.33 -5.63
CA HIS A 98 8.61 7.98 -5.80
C HIS A 98 9.25 7.46 -4.54
N GLY A 99 9.97 8.34 -3.85
CA GLY A 99 10.49 8.01 -2.53
C GLY A 99 9.35 7.50 -1.66
N ALA A 100 8.30 8.31 -1.55
CA ALA A 100 7.14 7.96 -0.75
C ALA A 100 6.68 6.55 -1.06
N LEU A 101 6.67 6.17 -2.33
CA LEU A 101 6.28 4.82 -2.72
C LEU A 101 7.26 3.78 -2.21
N LEU A 102 8.55 4.07 -2.35
CA LEU A 102 9.57 3.18 -1.82
C LEU A 102 9.31 2.96 -0.36
N VAL A 103 9.04 4.05 0.36
CA VAL A 103 8.86 3.95 1.80
C VAL A 103 7.58 3.21 2.14
N ASP A 104 6.57 3.35 1.28
CA ASP A 104 5.31 2.70 1.52
C ASP A 104 5.45 1.18 1.37
N ARG A 105 6.15 0.79 0.32
CA ARG A 105 6.40 -0.60 0.01
C ARG A 105 7.21 -1.28 1.12
N LEU A 106 8.05 -0.49 1.78
CA LEU A 106 9.05 -1.06 2.69
C LEU A 106 8.55 -1.29 4.11
N LEU A 107 7.48 -0.60 4.48
CA LEU A 107 6.99 -0.66 5.85
C LEU A 107 6.38 -2.01 6.21
N GLU A 108 6.78 -2.52 7.37
CA GLU A 108 6.15 -3.70 7.95
C GLU A 108 5.46 -3.31 9.24
N PRO A 109 4.32 -3.93 9.51
CA PRO A 109 3.69 -3.69 10.81
C PRO A 109 4.72 -3.81 11.94
N GLY A 110 4.60 -2.99 12.97
CA GLY A 110 5.53 -3.03 14.08
C GLY A 110 6.84 -2.29 13.89
N ASP A 111 6.98 -1.58 12.78
CA ASP A 111 8.20 -0.84 12.47
C ASP A 111 8.33 0.45 13.24
N ILE A 112 9.58 0.84 13.49
CA ILE A 112 9.86 2.16 14.04
C ILE A 112 10.54 3.00 12.98
N ILE A 113 9.82 3.95 12.39
CA ILE A 113 10.44 4.88 11.45
C ILE A 113 11.01 6.12 12.14
N GLY A 114 12.26 6.44 11.84
CA GLY A 114 12.85 7.67 12.33
C GLY A 114 12.95 8.69 11.20
N PHE A 115 12.89 9.97 11.56
CA PHE A 115 12.89 11.07 10.58
C PHE A 115 13.98 12.09 10.87
N SER A 116 14.47 12.71 9.81
CA SER A 116 15.40 13.84 9.94
C SER A 116 14.63 15.10 9.56
N TRP A 117 15.32 16.20 9.24
CA TRP A 117 14.62 17.43 8.88
C TRP A 117 14.81 17.83 7.41
N GLY A 118 14.13 18.91 7.03
CA GLY A 118 14.42 19.59 5.78
C GLY A 118 13.54 19.37 4.56
N ARG A 119 13.79 20.18 3.55
CA ARG A 119 13.00 20.17 2.35
C ARG A 119 12.86 18.79 1.71
N ALA A 120 13.89 17.97 1.84
CA ALA A 120 13.87 16.64 1.26
C ALA A 120 12.91 15.66 1.87
N VAL A 121 13.01 15.55 3.18
CA VAL A 121 12.18 14.66 3.92
C VAL A 121 10.75 15.14 3.90
N ARG A 122 10.53 16.42 3.95
CA ARG A 122 9.19 16.89 3.97
C ARG A 122 8.60 16.50 2.69
N SER A 123 9.37 16.63 1.65
CA SER A 123 8.85 16.34 0.34
C SER A 123 8.45 14.93 0.25
N LEU A 124 9.27 14.07 0.77
CA LEU A 124 8.91 12.68 0.74
C LEU A 124 7.69 12.36 1.59
N VAL A 125 7.60 12.92 2.77
CA VAL A 125 6.45 12.72 3.63
C VAL A 125 5.19 13.33 3.11
N GLU A 126 5.30 14.52 2.58
CA GLU A 126 4.16 15.18 1.94
C GLU A 126 3.46 14.29 0.92
N ASN A 127 4.12 13.22 0.52
CA ASN A 127 3.60 12.34 -0.51
C ASN A 127 3.30 10.92 -0.05
N LEU A 128 3.45 10.65 1.24
CA LEU A 128 2.98 9.38 1.75
C LEU A 128 1.48 9.27 1.52
N PRO A 129 0.97 8.04 1.39
CA PRO A 129 -0.45 7.71 1.20
C PRO A 129 -1.26 7.78 2.48
N GLN A 130 -2.38 8.49 2.45
CA GLN A 130 -3.31 8.55 3.59
C GLN A 130 -3.94 7.19 3.85
N ARG A 131 -3.76 6.68 5.06
CA ARG A 131 -4.25 5.36 5.35
C ARG A 131 -5.51 5.44 6.18
N SER A 132 -6.33 4.39 6.13
CA SER A 132 -7.63 4.37 6.80
C SER A 132 -7.57 3.67 8.14
N GLN A 133 -6.62 2.77 8.31
CA GLN A 133 -6.41 2.12 9.59
C GLN A 133 -4.96 2.27 9.96
N SER A 134 -4.65 2.12 11.24
CA SER A 134 -3.27 2.22 11.69
C SER A 134 -2.40 1.16 11.06
N ARG A 135 -1.30 1.61 10.48
CA ARG A 135 -0.33 0.72 9.87
C ARG A 135 0.50 0.01 10.95
N GLN A 136 0.25 0.35 12.21
CA GLN A 136 0.92 -0.25 13.36
C GLN A 136 2.40 -0.01 13.33
N VAL A 137 2.80 1.16 12.83
CA VAL A 137 4.19 1.59 12.91
C VAL A 137 4.33 2.76 13.89
N ILE A 138 5.55 3.13 14.23
CA ILE A 138 5.78 4.18 15.22
C ILE A 138 6.76 5.19 14.68
N CYS A 139 6.36 6.46 14.63
CA CYS A 139 7.23 7.51 14.09
C CYS A 139 7.96 8.26 15.17
N VAL A 140 9.26 8.48 15.03
CA VAL A 140 10.02 9.26 16.00
C VAL A 140 11.06 10.08 15.24
N PRO A 141 11.53 11.18 15.84
CA PRO A 141 12.62 12.03 15.37
C PRO A 141 13.97 11.38 15.69
N ILE A 142 14.96 11.50 14.85
CA ILE A 142 16.24 10.93 15.21
C ILE A 142 17.26 12.03 15.46
N ILE A 143 16.74 13.21 15.81
CA ILE A 143 17.54 14.41 16.00
C ILE A 143 16.74 15.44 16.82
N GLY A 144 17.43 16.32 17.57
CA GLY A 144 16.77 17.35 18.34
C GLY A 144 16.22 18.48 17.48
N GLY A 145 15.71 19.54 18.11
CA GLY A 145 15.17 20.68 17.38
C GLY A 145 16.18 21.64 16.77
N PRO A 146 15.73 22.42 15.79
CA PRO A 146 16.60 23.35 15.08
C PRO A 146 16.96 24.55 15.91
N SER A 147 16.25 24.78 17.00
CA SER A 147 16.51 25.96 17.80
C SER A 147 16.45 27.18 16.90
N GLY A 148 15.34 27.30 16.18
CA GLY A 148 15.10 28.45 15.34
C GLY A 148 15.79 28.45 13.99
N LYS A 149 16.80 27.61 13.83
CA LYS A 149 17.61 27.59 12.62
C LYS A 149 16.88 27.13 11.34
N LEU A 150 15.65 26.63 11.47
CA LEU A 150 14.86 26.16 10.33
C LEU A 150 13.45 26.71 10.39
N GLU A 151 12.81 26.84 9.24
CA GLU A 151 11.42 27.22 9.23
C GLU A 151 10.63 26.12 9.88
N SER A 152 9.44 26.43 10.34
CA SER A 152 8.64 25.47 11.10
C SER A 152 8.18 24.27 10.30
N ARG A 153 7.77 24.48 9.05
CA ARG A 153 7.27 23.37 8.26
C ARG A 153 8.37 22.34 7.95
N TYR A 154 9.62 22.68 8.29
CA TYR A 154 10.74 21.77 8.10
C TYR A 154 11.22 21.15 9.40
N HIS A 155 10.66 21.59 10.51
CA HIS A 155 11.06 21.08 11.81
C HIS A 155 10.87 19.55 11.83
N VAL A 156 11.80 18.85 12.50
CA VAL A 156 11.81 17.39 12.46
C VAL A 156 10.56 16.85 13.12
N ASN A 157 10.16 17.46 14.24
CA ASN A 157 8.91 17.07 14.88
C ASN A 157 7.70 17.29 13.95
N THR A 158 7.72 18.36 13.17
CA THR A 158 6.60 18.61 12.28
C THR A 158 6.53 17.45 11.33
N LEU A 159 7.67 17.11 10.73
CA LEU A 159 7.75 16.02 9.76
C LEU A 159 7.39 14.67 10.39
N THR A 160 7.87 14.42 11.61
CA THR A 160 7.59 13.16 12.30
C THR A 160 6.11 13.06 12.55
N TYR A 161 5.54 14.15 13.04
CA TYR A 161 4.12 14.18 13.35
C TYR A 161 3.28 14.09 12.06
N GLY A 162 3.67 14.82 11.03
CA GLY A 162 2.99 14.78 9.77
C GLY A 162 2.93 13.37 9.21
N ALA A 163 4.08 12.69 9.18
CA ALA A 163 4.17 11.33 8.67
C ALA A 163 3.19 10.45 9.42
N ALA A 164 3.33 10.45 10.75
CA ALA A 164 2.46 9.67 11.62
C ALA A 164 0.98 9.90 11.27
N ALA A 165 0.63 11.12 10.92
CA ALA A 165 -0.76 11.42 10.60
C ALA A 165 -1.15 10.77 9.28
N ARG A 166 -0.25 10.76 8.30
CA ARG A 166 -0.59 10.11 7.04
C ARG A 166 -0.72 8.61 7.27
N LEU A 167 0.12 8.09 8.17
CA LEU A 167 0.25 6.65 8.39
C LEU A 167 -0.67 6.13 9.47
N LYS A 168 -1.52 7.02 9.99
CA LYS A 168 -2.34 6.70 11.14
C LYS A 168 -1.59 5.93 12.22
N ALA A 169 -0.56 6.57 12.76
CA ALA A 169 0.44 5.86 13.56
C ALA A 169 0.87 6.61 14.79
N GLU A 170 1.35 5.84 15.77
CA GLU A 170 1.97 6.35 16.97
C GLU A 170 3.07 7.34 16.55
N SER A 171 3.37 8.30 17.41
CA SER A 171 4.42 9.27 17.17
C SER A 171 4.94 9.75 18.51
N HIS A 172 6.22 10.07 18.60
CA HIS A 172 6.79 10.50 19.87
C HIS A 172 7.76 11.66 19.71
N LEU A 173 7.27 12.88 19.90
CA LEU A 173 8.04 14.08 19.57
C LEU A 173 9.12 14.38 20.59
N ALA A 174 10.23 14.99 20.15
CA ALA A 174 11.33 15.27 21.07
C ALA A 174 11.31 16.70 21.59
N ASP A 175 11.55 16.84 22.90
CA ASP A 175 11.51 18.17 23.50
C ASP A 175 12.85 18.77 23.89
N PHE A 176 13.91 18.32 23.21
CA PHE A 176 15.23 18.86 23.44
C PHE A 176 15.79 19.35 22.12
N PRO A 177 16.76 20.26 22.16
CA PRO A 177 17.37 20.81 20.96
C PRO A 177 18.37 19.82 20.39
N ALA A 178 18.74 19.97 19.13
CA ALA A 178 19.76 19.08 18.60
C ALA A 178 21.15 19.52 19.11
N LEU A 179 21.27 20.81 19.40
CA LEU A 179 22.59 21.38 19.71
C LEU A 179 22.54 22.30 20.92
N LEU A 180 23.30 21.95 21.96
CA LEU A 180 23.32 22.75 23.19
C LEU A 180 24.60 23.56 23.34
N ASP A 181 24.58 24.58 24.19
CA ASP A 181 25.69 25.52 24.30
C ASP A 181 26.96 24.91 24.88
N ASN A 182 26.78 24.01 25.85
CA ASN A 182 27.91 23.31 26.46
C ASN A 182 27.60 21.88 26.89
N PRO A 183 28.60 21.01 26.88
CA PRO A 183 28.43 19.58 27.21
C PRO A 183 27.72 19.31 28.53
N LEU A 184 27.88 20.17 29.50
CA LEU A 184 27.25 19.85 30.74
C LEU A 184 25.76 19.85 30.58
N ILE A 185 25.22 20.78 29.85
CA ILE A 185 23.81 20.82 29.61
C ILE A 185 23.40 19.65 28.80
N ARG A 186 24.18 19.33 27.81
CA ARG A 186 23.84 18.27 26.93
C ARG A 186 23.80 16.95 27.60
N ASN A 187 24.71 16.68 28.48
CA ASN A 187 24.65 15.41 29.19
C ASN A 187 23.59 15.40 30.27
N GLY A 188 23.29 16.59 30.81
CA GLY A 188 22.27 16.69 31.82
C GLY A 188 20.99 16.21 31.19
N ILE A 189 20.72 16.75 30.00
CA ILE A 189 19.55 16.37 29.22
C ILE A 189 19.53 14.89 28.90
N MET A 190 20.70 14.30 28.69
CA MET A 190 20.76 12.90 28.33
C MET A 190 20.41 12.00 29.50
N GLN A 191 20.47 12.56 30.71
CA GLN A 191 20.15 11.82 31.92
C GLN A 191 18.66 11.71 32.17
N SER A 192 17.89 12.62 31.56
CA SER A 192 16.43 12.73 31.73
C SER A 192 15.63 11.54 31.16
N GLN A 193 14.52 11.21 31.80
CA GLN A 193 13.77 10.02 31.40
C GLN A 193 13.20 10.18 30.02
N HIS A 194 12.97 11.42 29.62
CA HIS A 194 12.41 11.67 28.29
C HIS A 194 13.45 11.47 27.20
N PHE A 195 14.68 11.92 27.42
CA PHE A 195 15.70 11.64 26.44
C PHE A 195 15.94 10.15 26.35
N LYS A 196 16.04 9.52 27.52
CA LYS A 196 16.27 8.09 27.58
C LYS A 196 15.18 7.41 26.76
N THR A 197 13.94 7.79 27.00
CA THR A 197 12.85 7.16 26.28
C THR A 197 13.03 7.31 24.76
N ILE A 198 13.31 8.52 24.30
CA ILE A 198 13.42 8.77 22.86
C ILE A 198 14.52 7.93 22.27
N SER A 199 15.75 8.14 22.76
CA SER A 199 16.89 7.40 22.28
C SER A 199 16.58 5.91 22.28
N SER A 200 15.81 5.47 23.27
CA SER A 200 15.46 4.06 23.42
C SER A 200 14.85 3.51 22.12
N TYR A 201 14.01 4.31 21.45
CA TYR A 201 13.50 3.93 20.13
C TYR A 201 14.62 3.92 19.08
N TRP A 202 15.56 4.86 19.19
CA TRP A 202 16.70 4.95 18.27
C TRP A 202 17.44 3.62 18.26
N ASP A 203 17.60 3.05 19.45
CA ASP A 203 18.43 1.86 19.71
C ASP A 203 17.88 0.65 19.02
N SER A 204 16.73 0.82 18.37
CA SER A 204 16.09 -0.29 17.69
C SER A 204 15.14 0.15 16.58
N LEU A 205 15.50 1.21 15.86
CA LEU A 205 14.63 1.70 14.80
C LEU A 205 14.80 0.86 13.53
N ASP A 206 13.69 0.59 12.86
CA ASP A 206 13.68 -0.28 11.69
C ASP A 206 13.97 0.44 10.37
N VAL A 207 13.18 1.45 10.07
CA VAL A 207 13.40 2.33 8.92
C VAL A 207 13.78 3.75 9.34
N ALA A 208 14.83 4.28 8.74
CA ALA A 208 15.18 5.66 8.94
C ALA A 208 14.99 6.40 7.65
N LEU A 209 14.73 7.69 7.76
CA LEU A 209 14.38 8.48 6.59
C LEU A 209 15.04 9.83 6.72
N VAL A 210 16.02 10.08 5.86
CA VAL A 210 17.06 11.05 6.19
C VAL A 210 17.49 11.99 5.02
N GLY A 211 17.77 13.25 5.35
CA GLY A 211 18.35 14.17 4.40
C GLY A 211 19.87 14.20 4.50
N ILE A 212 20.55 14.80 3.54
CA ILE A 212 22.01 14.81 3.59
C ILE A 212 22.65 16.20 3.50
N GLY A 213 23.40 16.58 4.51
CA GLY A 213 24.00 17.91 4.54
C GLY A 213 25.33 17.94 3.82
N SER A 214 25.74 19.13 3.37
CA SER A 214 27.07 19.28 2.78
C SER A 214 27.57 20.71 2.98
N PRO A 215 28.88 20.95 2.74
CA PRO A 215 29.41 22.28 2.97
C PRO A 215 28.98 23.17 1.82
N ALA A 216 28.92 22.58 0.63
CA ALA A 216 28.67 23.30 -0.63
C ALA A 216 27.34 24.03 -0.66
N ILE A 217 26.43 23.68 0.24
CA ILE A 217 25.12 24.31 0.31
C ILE A 217 25.21 25.79 0.71
N ARG A 218 24.44 26.65 0.01
CA ARG A 218 24.31 28.07 0.34
C ARG A 218 22.85 28.47 0.29
N ASP A 219 21.99 27.56 0.72
CA ASP A 219 20.58 27.85 1.01
C ASP A 219 20.50 28.12 2.52
N GLY A 220 19.34 28.57 2.99
CA GLY A 220 19.16 28.89 4.41
C GLY A 220 19.81 27.91 5.38
N ALA A 221 19.85 26.63 4.99
CA ALA A 221 20.56 25.61 5.74
C ALA A 221 22.05 25.55 5.37
N ASN A 222 22.73 26.70 5.34
CA ASN A 222 24.17 26.74 5.17
C ASN A 222 24.77 26.37 6.50
N TRP A 223 25.78 25.51 6.50
CA TRP A 223 26.50 25.20 7.74
C TRP A 223 27.00 26.48 8.37
N HIS A 224 27.29 27.47 7.54
CA HIS A 224 27.69 28.77 8.03
C HIS A 224 26.59 29.37 8.90
N ALA A 225 25.38 29.41 8.40
CA ALA A 225 24.28 29.91 9.18
C ALA A 225 23.98 29.07 10.38
N PHE A 226 23.99 27.75 10.22
CA PHE A 226 23.65 26.87 11.32
C PHE A 226 24.58 26.88 12.49
N TYR A 227 25.87 26.72 12.24
CA TYR A 227 26.83 26.56 13.32
C TYR A 227 27.75 27.72 13.41
N GLY A 228 27.72 28.53 12.39
CA GLY A 228 28.46 29.79 12.39
C GLY A 228 29.95 29.70 12.14
N SER A 229 30.32 29.86 10.88
CA SER A 229 31.69 30.24 10.42
C SER A 229 32.87 29.70 11.23
N GLU A 230 33.11 30.28 12.39
CA GLU A 230 34.10 29.73 13.32
C GLU A 230 34.05 28.22 13.23
N GLU A 231 32.86 27.68 13.45
CA GLU A 231 32.63 26.25 13.48
C GLU A 231 32.77 25.58 12.10
N SER A 232 32.11 26.14 11.10
CA SER A 232 32.11 25.56 9.77
C SER A 232 33.45 25.66 9.04
N ASP A 233 34.19 26.75 9.26
CA ASP A 233 35.53 26.84 8.69
C ASP A 233 36.29 25.64 9.20
N ASP A 234 36.13 25.34 10.49
CA ASP A 234 36.84 24.26 11.14
C ASP A 234 36.39 22.89 10.64
N LEU A 235 35.15 22.79 10.17
CA LEU A 235 34.68 21.57 9.51
C LEU A 235 35.41 21.37 8.19
N ASN A 236 35.59 22.45 7.43
CA ASN A 236 36.34 22.34 6.19
C ASN A 236 37.75 21.86 6.44
N ALA A 237 38.31 22.25 7.58
CA ALA A 237 39.64 21.85 7.99
C ALA A 237 39.74 20.35 8.25
N ARG A 238 38.71 19.76 8.82
CA ARG A 238 38.74 18.34 9.16
C ARG A 238 38.33 17.46 7.97
N HIS A 239 38.23 18.09 6.80
CA HIS A 239 37.92 17.39 5.56
C HIS A 239 36.56 16.71 5.58
N VAL A 240 35.57 17.47 6.02
CA VAL A 240 34.23 16.94 6.19
C VAL A 240 33.43 17.06 4.90
N ALA A 241 32.94 15.92 4.41
CA ALA A 241 32.26 15.85 3.12
C ALA A 241 30.79 16.17 3.22
N GLY A 242 30.16 15.69 4.28
CA GLY A 242 28.74 15.86 4.50
C GLY A 242 28.36 15.62 5.93
N ASP A 243 27.08 15.63 6.23
CA ASP A 243 26.65 15.30 7.56
C ASP A 243 25.34 14.59 7.51
N ILE A 244 25.02 13.85 8.56
CA ILE A 244 23.69 13.33 8.70
C ILE A 244 23.28 13.54 10.14
N CYS A 245 22.08 13.99 10.36
CA CYS A 245 21.63 14.22 11.73
C CYS A 245 22.73 14.81 12.56
N SER A 246 23.45 15.75 11.99
CA SER A 246 24.47 16.46 12.72
C SER A 246 25.64 15.56 13.13
N ARG A 247 25.76 14.41 12.47
CA ARG A 247 26.97 13.60 12.61
C ARG A 247 27.79 13.64 11.30
N PHE A 248 29.03 14.10 11.39
CA PHE A 248 29.80 14.41 10.20
C PHE A 248 30.74 13.32 9.75
N TYR A 249 30.87 13.16 8.43
CA TYR A 249 31.78 12.16 7.85
C TYR A 249 32.65 12.77 6.74
N ASP A 250 33.82 12.16 6.48
CA ASP A 250 34.68 12.59 5.39
C ASP A 250 34.25 11.97 4.05
N ILE A 251 34.91 12.36 2.97
CA ILE A 251 34.60 11.84 1.64
C ILE A 251 34.77 10.33 1.50
N ASN A 252 35.56 9.73 2.36
CA ASN A 252 35.73 8.29 2.31
C ASN A 252 34.79 7.59 3.25
N GLY A 253 33.78 8.30 3.72
CA GLY A 253 32.80 7.71 4.61
C GLY A 253 33.35 7.49 6.02
N GLY A 254 34.45 8.14 6.31
CA GLY A 254 35.00 8.09 7.64
C GLY A 254 34.30 9.02 8.57
N LEU A 255 34.11 8.63 9.80
CA LEU A 255 33.46 9.48 10.75
C LEU A 255 34.42 10.56 11.06
N VAL A 256 33.95 11.73 11.44
CA VAL A 256 34.83 12.79 11.84
C VAL A 256 34.36 13.41 13.12
N ASP A 257 35.00 13.11 14.23
CA ASP A 257 34.53 13.69 15.45
C ASP A 257 34.75 15.14 15.24
N THR A 258 33.82 15.98 15.65
CA THR A 258 33.87 17.38 15.27
C THR A 258 33.82 18.43 16.31
N ASN A 259 33.68 18.07 17.56
CA ASN A 259 33.75 19.08 18.59
C ASN A 259 32.44 19.70 19.05
N MET A 260 31.40 19.56 18.24
CA MET A 260 30.07 19.90 18.63
C MET A 260 29.56 18.55 18.95
N SER A 261 30.44 17.58 18.89
CA SER A 261 30.11 16.18 19.07
C SER A 261 29.57 15.89 20.42
N GLU A 262 30.14 16.56 21.39
CA GLU A 262 29.78 16.35 22.77
C GLU A 262 28.67 17.27 23.19
N LYS A 263 28.16 18.03 22.23
CA LYS A 263 27.04 18.88 22.46
C LYS A 263 25.91 18.57 21.53
N THR A 264 25.70 17.32 21.16
CA THR A 264 24.70 17.01 20.14
C THR A 264 23.74 15.90 20.54
N LEU A 265 22.45 16.22 20.52
CA LEU A 265 21.46 15.22 20.77
C LEU A 265 20.92 14.66 19.45
N SER A 266 21.42 13.49 19.07
CA SER A 266 20.94 12.82 17.87
C SER A 266 21.45 11.39 17.82
N ILE A 267 20.85 10.61 16.95
CA ILE A 267 21.22 9.22 16.82
C ILE A 267 22.69 9.11 16.41
N GLU A 268 23.40 8.19 17.01
CA GLU A 268 24.76 7.92 16.67
C GLU A 268 24.53 7.12 15.46
N MET A 269 25.57 6.83 14.70
CA MET A 269 25.41 6.00 13.53
C MET A 269 25.74 4.58 13.69
N ALA A 270 26.33 4.26 14.80
CA ALA A 270 26.50 2.88 15.01
C ALA A 270 25.07 2.56 14.92
N LYS A 271 24.21 3.43 15.42
CA LYS A 271 22.85 2.93 15.59
C LYS A 271 22.06 3.05 14.31
N LEU A 272 22.36 4.08 13.53
CA LEU A 272 21.66 4.31 12.29
C LEU A 272 21.82 3.12 11.36
N ARG A 273 22.99 2.47 11.46
CA ARG A 273 23.34 1.39 10.53
C ARG A 273 22.67 0.07 10.87
N GLN A 274 22.51 -0.23 12.15
CA GLN A 274 21.75 -1.40 12.58
C GLN A 274 20.36 -1.41 11.95
N ALA A 275 20.02 -0.32 11.29
CA ALA A 275 18.67 -0.12 10.78
C ALA A 275 18.48 -0.82 9.47
N ARG A 276 17.48 -1.69 9.42
CA ARG A 276 17.15 -2.45 8.23
C ARG A 276 17.26 -1.59 6.97
N TYR A 277 16.43 -0.56 6.84
CA TYR A 277 16.58 0.40 5.74
C TYR A 277 16.89 1.78 6.26
N SER A 278 18.03 2.32 5.87
CA SER A 278 18.36 3.72 6.12
C SER A 278 18.34 4.47 4.80
N ILE A 279 17.22 5.17 4.56
CA ILE A 279 16.97 5.75 3.25
C ILE A 279 17.36 7.22 3.12
N GLY A 280 18.49 7.49 2.45
CA GLY A 280 18.90 8.85 2.18
C GLY A 280 18.15 9.45 1.00
N ILE A 281 17.81 10.73 1.12
CA ILE A 281 17.12 11.40 0.03
C ILE A 281 17.73 12.78 -0.23
N ALA A 282 18.36 12.90 -1.39
CA ALA A 282 19.20 14.04 -1.69
C ALA A 282 19.40 14.18 -3.21
N MET A 283 19.88 15.35 -3.62
CA MET A 283 20.15 15.62 -5.03
C MET A 283 20.93 16.92 -5.20
N GLY A 284 21.48 17.14 -6.39
CA GLY A 284 22.24 18.36 -6.67
C GLY A 284 23.73 18.12 -6.62
N GLU A 285 24.46 18.64 -7.60
CA GLU A 285 25.89 18.39 -7.66
C GLU A 285 26.58 19.09 -6.52
N GLU A 286 25.94 20.10 -5.97
CA GLU A 286 26.51 20.82 -4.86
C GLU A 286 26.64 19.94 -3.63
N LYS A 287 25.97 18.80 -3.63
CA LYS A 287 26.02 17.87 -2.51
C LYS A 287 26.68 16.58 -2.89
N TYR A 288 27.42 16.53 -3.98
CA TYR A 288 28.03 15.29 -4.36
C TYR A 288 28.92 14.69 -3.32
N SER A 289 29.72 15.50 -2.70
CA SER A 289 30.64 15.07 -1.64
C SER A 289 29.91 14.36 -0.50
N GLY A 290 28.83 14.99 -0.01
CA GLY A 290 28.03 14.42 1.05
C GLY A 290 27.37 13.11 0.67
N ILE A 291 26.66 13.10 -0.44
CA ILE A 291 26.06 11.87 -0.94
C ILE A 291 27.10 10.73 -1.05
N LEU A 292 28.26 11.03 -1.65
CA LEU A 292 29.31 10.03 -1.76
C LEU A 292 29.72 9.51 -0.41
N GLY A 293 30.12 10.42 0.47
CA GLY A 293 30.56 10.03 1.80
C GLY A 293 29.52 9.17 2.47
N ALA A 294 28.28 9.64 2.41
CA ALA A 294 27.17 8.93 3.01
C ALA A 294 27.05 7.51 2.46
N LEU A 295 27.41 7.32 1.20
CA LEU A 295 27.35 6.01 0.56
C LEU A 295 28.53 5.12 0.93
N HIS A 296 29.71 5.71 0.90
CA HIS A 296 30.92 4.99 1.28
C HIS A 296 30.83 4.58 2.72
N GLY A 297 30.25 5.44 3.56
CA GLY A 297 30.11 5.14 4.96
C GLY A 297 29.07 4.09 5.31
N ARG A 298 28.21 3.73 4.36
CA ARG A 298 27.14 2.77 4.64
C ARG A 298 26.11 3.32 5.62
N TYR A 299 26.20 4.61 5.92
CA TYR A 299 25.23 5.32 6.76
C TYR A 299 23.83 5.28 6.17
N ILE A 300 23.74 5.21 4.85
CA ILE A 300 22.46 4.97 4.21
C ILE A 300 22.61 3.76 3.31
N ASN A 301 21.55 2.96 3.17
CA ASN A 301 21.58 1.82 2.27
C ASN A 301 20.43 1.85 1.29
N CYS A 302 19.86 3.03 1.09
CA CYS A 302 18.85 3.29 0.07
C CYS A 302 19.07 4.70 -0.42
N LEU A 303 18.79 4.95 -1.68
CA LEU A 303 18.96 6.29 -2.20
C LEU A 303 17.79 6.73 -3.07
N VAL A 304 17.14 7.82 -2.68
CA VAL A 304 16.13 8.43 -3.51
C VAL A 304 16.83 9.64 -4.09
N THR A 305 16.72 9.83 -5.40
CA THR A 305 17.40 10.94 -6.07
C THR A 305 16.92 11.17 -7.50
N ASN A 306 17.39 12.23 -8.12
CA ASN A 306 17.00 12.57 -9.47
C ASN A 306 17.93 11.93 -10.47
N ARG A 307 17.55 11.94 -11.75
CA ARG A 307 18.36 11.43 -12.85
C ARG A 307 19.71 12.12 -12.93
N GLU A 308 19.69 13.44 -13.04
CA GLU A 308 20.91 14.20 -13.18
C GLU A 308 21.99 13.79 -12.19
N THR A 309 21.70 13.81 -10.89
CA THR A 309 22.75 13.57 -9.89
C THR A 309 23.13 12.09 -9.84
N ALA A 310 22.21 11.23 -10.28
CA ALA A 310 22.48 9.80 -10.36
C ALA A 310 23.63 9.52 -11.33
N GLU A 311 23.69 10.28 -12.42
CA GLU A 311 24.73 10.10 -13.42
C GLU A 311 26.07 10.52 -12.84
N LEU A 312 26.08 11.63 -12.10
CA LEU A 312 27.29 12.07 -11.42
C LEU A 312 27.89 11.00 -10.51
N LEU A 313 27.02 10.21 -9.91
CA LEU A 313 27.44 9.20 -8.94
C LEU A 313 28.01 7.94 -9.59
N LEU A 314 27.69 7.74 -10.86
CA LEU A 314 28.25 6.61 -11.57
C LEU A 314 29.56 6.99 -12.29
N LYS A 315 29.77 8.30 -12.50
CA LYS A 315 31.01 8.80 -13.10
C LYS A 315 32.23 8.48 -12.24
N ASN B 3 -19.87 9.94 -9.27
CA ASN B 3 -20.53 10.45 -8.09
C ASN B 3 -21.87 11.16 -8.32
N SER B 4 -22.08 11.73 -9.49
CA SER B 4 -23.35 12.37 -9.72
C SER B 4 -24.38 11.27 -9.67
N ASP B 5 -25.42 11.35 -10.48
CA ASP B 5 -25.67 12.55 -11.26
C ASP B 5 -26.63 13.42 -10.48
N ASP B 6 -27.62 12.80 -9.87
CA ASP B 6 -28.61 13.57 -9.19
C ASP B 6 -27.96 14.33 -8.08
N ILE B 7 -27.14 13.69 -7.29
CA ILE B 7 -26.61 14.51 -6.20
C ILE B 7 -25.80 15.69 -6.75
N ARG B 8 -25.18 15.51 -7.90
CA ARG B 8 -24.52 16.64 -8.52
C ARG B 8 -25.54 17.78 -8.59
N LEU B 9 -26.82 17.39 -8.68
CA LEU B 9 -27.97 18.30 -8.85
C LEU B 9 -28.52 18.87 -7.54
N ILE B 10 -28.73 18.00 -6.55
CA ILE B 10 -29.19 18.42 -5.23
C ILE B 10 -28.33 19.55 -4.70
N VAL B 11 -27.04 19.49 -4.97
CA VAL B 11 -26.10 20.53 -4.58
C VAL B 11 -26.41 21.82 -5.33
N LYS B 12 -26.74 21.75 -6.60
CA LYS B 12 -27.03 22.97 -7.33
C LYS B 12 -28.25 23.67 -6.76
N ILE B 13 -29.28 22.89 -6.57
CA ILE B 13 -30.54 23.37 -6.05
C ILE B 13 -30.36 23.86 -4.66
N ALA B 14 -29.61 23.13 -3.89
CA ALA B 14 -29.52 23.52 -2.51
C ALA B 14 -28.91 24.86 -2.49
N GLN B 15 -27.86 25.05 -3.24
CA GLN B 15 -27.29 26.35 -3.15
C GLN B 15 -28.26 27.39 -3.65
N LEU B 16 -28.96 27.23 -4.74
CA LEU B 16 -29.76 28.41 -5.00
C LEU B 16 -30.69 28.66 -3.84
N TYR B 17 -31.43 27.65 -3.46
CA TYR B 17 -32.50 27.84 -2.51
C TYR B 17 -32.05 28.37 -1.20
N TYR B 18 -30.87 27.96 -0.75
CA TYR B 18 -30.43 28.44 0.54
C TYR B 18 -29.46 29.59 0.40
N GLU B 19 -28.51 29.41 -0.47
CA GLU B 19 -27.47 30.38 -0.67
C GLU B 19 -28.00 31.62 -1.30
N GLN B 20 -28.83 31.45 -2.32
CA GLN B 20 -29.36 32.58 -3.04
C GLN B 20 -30.76 33.00 -2.70
N ASP B 21 -31.44 32.27 -1.85
CA ASP B 21 -32.73 32.75 -1.40
C ASP B 21 -33.81 32.61 -2.45
N MET B 22 -33.41 32.14 -3.62
CA MET B 22 -34.33 31.96 -4.72
C MET B 22 -35.35 30.92 -4.29
N THR B 23 -36.60 31.09 -4.65
CA THR B 23 -37.63 30.12 -4.25
C THR B 23 -37.73 28.96 -5.24
N GLN B 24 -38.65 28.03 -4.96
CA GLN B 24 -38.78 26.80 -5.73
C GLN B 24 -39.47 26.96 -7.07
N ALA B 25 -40.63 27.57 -7.08
CA ALA B 25 -41.38 27.66 -8.32
C ALA B 25 -40.52 28.34 -9.38
N GLN B 26 -39.61 29.19 -8.92
CA GLN B 26 -38.68 29.88 -9.82
C GLN B 26 -37.34 29.16 -9.99
N ILE B 27 -36.90 28.46 -8.93
CA ILE B 27 -35.72 27.62 -9.02
C ILE B 27 -35.98 26.49 -10.03
N ALA B 28 -37.21 26.00 -10.04
CA ALA B 28 -37.62 24.92 -10.93
C ALA B 28 -37.76 25.52 -12.31
N ARG B 29 -37.93 26.83 -12.35
CA ARG B 29 -38.12 27.52 -13.60
C ARG B 29 -36.77 27.58 -14.27
N GLU B 30 -35.76 27.94 -13.49
CA GLU B 30 -34.39 28.09 -13.95
C GLU B 30 -33.82 26.81 -14.58
N LEU B 31 -34.23 25.66 -14.06
CA LEU B 31 -33.61 24.37 -14.38
C LEU B 31 -34.55 23.42 -15.14
N GLY B 32 -35.68 23.94 -15.62
CA GLY B 32 -36.59 23.16 -16.42
C GLY B 32 -37.11 21.89 -15.79
N ILE B 33 -37.11 21.79 -14.46
CA ILE B 33 -37.72 20.63 -13.78
C ILE B 33 -38.97 20.92 -12.95
N TYR B 34 -39.45 19.90 -12.23
CA TYR B 34 -40.79 19.84 -11.63
C TYR B 34 -41.00 20.51 -10.23
N ARG B 35 -42.22 20.97 -9.88
CA ARG B 35 -42.40 21.56 -8.55
C ARG B 35 -42.37 20.46 -7.49
N THR B 36 -42.99 19.36 -7.81
CA THR B 36 -42.93 18.21 -6.96
C THR B 36 -41.51 17.72 -6.79
N THR B 37 -40.77 17.69 -7.88
CA THR B 37 -39.39 17.24 -7.86
C THR B 37 -38.42 18.07 -7.07
N ILE B 38 -38.55 19.39 -7.10
CA ILE B 38 -37.60 20.19 -6.35
C ILE B 38 -37.76 19.89 -4.90
N SER B 39 -38.99 19.78 -4.47
CA SER B 39 -39.23 19.46 -3.09
C SER B 39 -38.67 18.11 -2.81
N ARG B 40 -38.89 17.18 -3.71
CA ARG B 40 -38.43 15.84 -3.42
C ARG B 40 -36.94 15.90 -3.21
N LEU B 41 -36.25 16.59 -4.09
CA LEU B 41 -34.81 16.66 -3.99
C LEU B 41 -34.31 17.33 -2.76
N LEU B 42 -34.96 18.42 -2.37
CA LEU B 42 -34.50 19.11 -1.19
C LEU B 42 -34.66 18.22 -0.01
N LYS B 43 -35.77 17.51 0.03
CA LYS B 43 -36.01 16.66 1.17
C LYS B 43 -34.92 15.65 1.18
N ARG B 44 -34.58 15.14 0.02
CA ARG B 44 -33.55 14.12 -0.04
C ARG B 44 -32.23 14.64 0.44
N GLY B 45 -31.87 15.84 0.02
CA GLY B 45 -30.61 16.37 0.44
C GLY B 45 -30.63 16.49 1.93
N ARG B 46 -31.72 16.97 2.50
CA ARG B 46 -31.66 17.11 3.93
C ARG B 46 -31.52 15.75 4.54
N GLU B 47 -32.29 14.79 4.08
CA GLU B 47 -32.21 13.45 4.63
C GLU B 47 -30.88 12.75 4.50
N GLN B 48 -30.24 12.90 3.36
CA GLN B 48 -28.99 12.23 3.14
C GLN B 48 -27.78 12.95 3.66
N GLY B 49 -27.97 14.11 4.27
CA GLY B 49 -26.83 14.82 4.81
C GLY B 49 -26.00 15.69 3.91
N ILE B 50 -26.47 15.95 2.73
CA ILE B 50 -25.71 16.82 1.88
C ILE B 50 -25.67 18.18 2.55
N VAL B 51 -26.81 18.60 3.09
CA VAL B 51 -26.97 19.87 3.79
C VAL B 51 -27.61 19.55 5.13
N THR B 52 -27.07 20.13 6.18
CA THR B 52 -27.60 19.95 7.49
C THR B 52 -27.84 21.30 8.11
N ILE B 53 -29.00 21.46 8.73
CA ILE B 53 -29.36 22.71 9.36
C ILE B 53 -29.34 22.52 10.84
N ALA B 54 -28.88 23.56 11.54
CA ALA B 54 -28.80 23.56 13.00
C ALA B 54 -29.54 24.72 13.67
N ILE B 55 -30.24 24.37 14.76
CA ILE B 55 -31.03 25.29 15.56
C ILE B 55 -30.49 25.46 16.95
N ASN B 56 -30.22 26.69 17.36
CA ASN B 56 -29.68 26.94 18.68
C ASN B 56 -30.79 27.03 19.69
N TYR B 57 -31.38 25.91 20.08
CA TYR B 57 -32.50 26.02 21.02
C TYR B 57 -32.19 26.86 22.24
N ASP B 58 -30.95 26.74 22.71
CA ASP B 58 -30.53 27.41 23.93
C ASP B 58 -30.02 28.81 23.68
N TYR B 59 -30.40 29.41 22.58
CA TYR B 59 -29.87 30.73 22.27
C TYR B 59 -30.07 31.72 23.41
N ASN B 60 -31.17 31.57 24.15
CA ASN B 60 -31.48 32.56 25.14
C ASN B 60 -30.68 32.40 26.43
N GLU B 61 -30.70 31.21 27.05
CA GLU B 61 -30.03 31.00 28.32
C GLU B 61 -28.51 31.16 28.21
N ASN B 62 -27.94 30.62 27.14
CA ASN B 62 -26.51 30.75 26.91
C ASN B 62 -26.11 32.22 26.87
N LEU B 63 -26.92 33.03 26.21
CA LEU B 63 -26.64 34.45 26.07
C LEU B 63 -26.76 35.15 27.41
N TRP B 64 -27.78 34.81 28.17
CA TRP B 64 -27.93 35.45 29.46
C TRP B 64 -26.75 35.07 30.35
N LEU B 65 -26.43 33.77 30.38
CA LEU B 65 -25.28 33.25 31.14
C LEU B 65 -23.99 33.93 30.75
N GLU B 66 -23.87 34.32 29.48
CA GLU B 66 -22.68 34.99 29.00
C GLU B 66 -22.57 36.36 29.66
N GLN B 67 -23.71 37.03 29.77
CA GLN B 67 -23.76 38.39 30.30
C GLN B 67 -23.53 38.42 31.79
N GLN B 68 -24.03 37.40 32.49
CA GLN B 68 -23.76 37.27 33.92
C GLN B 68 -22.29 37.03 34.22
N LEU B 69 -21.67 36.10 33.50
CA LEU B 69 -20.24 35.85 33.65
C LEU B 69 -19.47 37.13 33.45
N LYS B 70 -19.77 37.86 32.38
CA LYS B 70 -19.15 39.17 32.17
C LYS B 70 -19.38 40.09 33.38
N GLN B 71 -20.59 40.06 33.93
CA GLN B 71 -20.95 40.96 35.02
C GLN B 71 -20.27 40.63 36.33
N LYS B 72 -20.38 39.37 36.73
CA LYS B 72 -19.79 38.91 37.99
C LYS B 72 -18.27 39.10 38.02
N PHE B 73 -17.59 38.81 36.91
CA PHE B 73 -16.15 38.79 36.92
C PHE B 73 -15.47 39.92 36.13
N GLY B 74 -16.27 40.72 35.44
CA GLY B 74 -15.67 41.78 34.66
C GLY B 74 -14.83 41.26 33.50
N LEU B 75 -15.33 40.22 32.84
CA LEU B 75 -14.67 39.68 31.66
C LEU B 75 -14.87 40.64 30.49
N LYS B 76 -13.83 40.79 29.67
CA LYS B 76 -14.00 41.47 28.40
C LYS B 76 -15.04 40.72 27.56
N GLU B 77 -14.95 39.40 27.47
CA GLU B 77 -15.92 38.64 26.72
C GLU B 77 -16.04 37.23 27.22
N ALA B 78 -17.07 36.54 26.82
CA ALA B 78 -17.37 35.23 27.38
C ALA B 78 -18.33 34.43 26.50
N VAL B 79 -18.04 33.15 26.30
CA VAL B 79 -18.89 32.30 25.48
C VAL B 79 -19.23 31.02 26.24
N VAL B 80 -20.52 30.66 26.18
CA VAL B 80 -21.05 29.48 26.86
C VAL B 80 -21.70 28.57 25.83
N ALA B 81 -21.05 27.45 25.54
CA ALA B 81 -21.58 26.46 24.61
C ALA B 81 -22.53 25.52 25.34
N SER B 82 -23.54 25.04 24.62
CA SER B 82 -24.56 24.20 25.21
C SER B 82 -24.12 22.78 25.49
N SER B 83 -24.91 22.13 26.36
CA SER B 83 -24.51 20.91 27.05
C SER B 83 -25.72 20.12 27.57
N ASP B 84 -25.45 19.20 28.50
CA ASP B 84 -26.46 18.27 29.05
C ASP B 84 -27.49 17.81 28.01
N GLY B 85 -27.00 17.64 26.79
CA GLY B 85 -27.72 17.06 25.69
C GLY B 85 -26.60 16.53 24.82
N LEU B 86 -25.49 16.20 25.49
CA LEU B 86 -24.22 15.89 24.86
C LEU B 86 -23.34 15.05 25.81
N LEU B 87 -22.28 14.43 25.28
CA LEU B 87 -21.31 13.68 26.11
C LEU B 87 -19.91 14.34 26.15
N GLU B 88 -18.94 13.77 26.89
CA GLU B 88 -17.64 14.43 27.09
C GLU B 88 -16.99 15.05 25.84
N GLU B 89 -16.61 14.22 24.87
CA GLU B 89 -15.86 14.71 23.73
C GLU B 89 -16.66 15.71 22.92
N GLU B 90 -17.99 15.63 23.04
CA GLU B 90 -18.92 16.50 22.31
C GLU B 90 -19.05 17.88 22.93
N GLN B 91 -18.96 17.94 24.25
CA GLN B 91 -18.98 19.21 24.96
C GLN B 91 -17.83 20.06 24.46
N LEU B 92 -16.68 19.43 24.27
CA LEU B 92 -15.50 20.14 23.77
C LEU B 92 -15.76 20.75 22.41
N SER B 93 -16.33 19.97 21.49
CA SER B 93 -16.56 20.48 20.13
C SER B 93 -17.49 21.69 20.17
N ALA B 94 -18.45 21.62 21.09
CA ALA B 94 -19.42 22.70 21.31
C ALA B 94 -18.71 24.04 21.58
N MET B 95 -17.80 24.02 22.58
CA MET B 95 -16.99 25.18 22.94
C MET B 95 -16.00 25.50 21.83
N GLY B 96 -15.35 24.47 21.31
CA GLY B 96 -14.35 24.64 20.28
C GLY B 96 -14.92 25.49 19.18
N GLN B 97 -16.05 25.07 18.63
CA GLN B 97 -16.63 25.77 17.51
C GLN B 97 -16.80 27.23 17.85
N HIS B 98 -17.47 27.48 18.97
CA HIS B 98 -17.80 28.84 19.36
C HIS B 98 -16.57 29.63 19.80
N GLY B 99 -15.75 29.03 20.65
CA GLY B 99 -14.49 29.62 21.01
C GLY B 99 -13.75 30.10 19.78
N ALA B 100 -13.68 29.23 18.77
CA ALA B 100 -12.99 29.54 17.52
C ALA B 100 -13.51 30.81 16.87
N LEU B 101 -14.83 30.89 16.73
CA LEU B 101 -15.45 32.09 16.19
C LEU B 101 -15.05 33.32 16.99
N LEU B 102 -15.16 33.23 18.32
CA LEU B 102 -14.75 34.32 19.20
C LEU B 102 -13.34 34.70 18.89
N VAL B 103 -12.50 33.69 18.78
CA VAL B 103 -11.09 33.93 18.51
C VAL B 103 -10.90 34.57 17.12
N ASP B 104 -11.62 34.06 16.12
CA ASP B 104 -11.41 34.56 14.77
C ASP B 104 -11.66 36.06 14.70
N ARG B 105 -12.71 36.51 15.39
CA ARG B 105 -13.10 37.92 15.27
C ARG B 105 -12.29 38.86 16.17
N LEU B 106 -11.61 38.31 17.16
CA LEU B 106 -10.85 39.13 18.11
C LEU B 106 -9.46 39.53 17.60
N LEU B 107 -8.84 38.67 16.80
CA LEU B 107 -7.51 38.96 16.30
C LEU B 107 -7.46 40.26 15.53
N GLU B 108 -6.31 40.93 15.59
CA GLU B 108 -6.10 42.13 14.82
C GLU B 108 -4.74 42.05 14.17
N PRO B 109 -4.65 42.44 12.90
CA PRO B 109 -3.40 42.45 12.12
C PRO B 109 -2.17 42.76 12.97
N GLY B 110 -1.14 41.92 12.87
CA GLY B 110 0.11 42.13 13.59
C GLY B 110 0.18 41.45 14.95
N ASP B 111 -0.90 40.77 15.32
CA ASP B 111 -1.02 40.10 16.60
C ASP B 111 -0.04 38.96 16.82
N ILE B 112 0.40 38.81 18.07
CA ILE B 112 1.10 37.62 18.55
C ILE B 112 0.15 36.69 19.34
N ILE B 113 -0.18 35.53 18.77
CA ILE B 113 -0.96 34.54 19.50
C ILE B 113 -0.09 33.53 20.22
N GLY B 114 -0.34 33.37 21.52
CA GLY B 114 0.31 32.33 22.31
C GLY B 114 -0.63 31.17 22.62
N PHE B 115 -0.11 29.96 22.59
CA PHE B 115 -0.91 28.77 22.85
C PHE B 115 -0.36 27.92 23.98
N SER B 116 -1.24 27.29 24.73
CA SER B 116 -0.81 26.36 25.74
C SER B 116 -1.19 24.95 25.24
N TRP B 117 -1.11 23.93 26.06
CA TRP B 117 -1.40 22.57 25.60
C TRP B 117 -2.77 22.06 25.99
N GLY B 118 -3.11 20.85 25.53
CA GLY B 118 -4.23 20.11 26.07
C GLY B 118 -5.51 19.94 25.26
N ARG B 119 -6.37 18.99 25.69
CA ARG B 119 -7.62 18.67 25.01
C ARG B 119 -8.38 19.92 24.57
N ALA B 120 -8.42 20.91 25.45
CA ALA B 120 -9.26 22.09 25.25
C ALA B 120 -8.71 23.06 24.23
N VAL B 121 -7.48 23.52 24.47
CA VAL B 121 -6.86 24.46 23.56
C VAL B 121 -6.92 23.85 22.17
N ARG B 122 -6.82 22.55 22.09
CA ARG B 122 -6.87 21.93 20.78
C ARG B 122 -8.18 22.03 20.05
N SER B 123 -9.27 21.75 20.73
CA SER B 123 -10.57 21.83 20.09
C SER B 123 -10.92 23.25 19.68
N LEU B 124 -10.24 24.21 20.27
CA LEU B 124 -10.44 25.57 19.83
C LEU B 124 -9.71 25.73 18.50
N VAL B 125 -8.50 25.21 18.41
CA VAL B 125 -7.71 25.30 17.19
C VAL B 125 -8.32 24.50 16.04
N GLU B 126 -8.72 23.25 16.32
CA GLU B 126 -9.35 22.40 15.32
C GLU B 126 -10.47 23.11 14.58
N ASN B 127 -11.16 23.99 15.30
CA ASN B 127 -12.32 24.69 14.77
C ASN B 127 -12.05 26.09 14.23
N LEU B 128 -10.80 26.48 14.15
CA LEU B 128 -10.51 27.77 13.60
C LEU B 128 -10.94 27.85 12.16
N PRO B 129 -11.45 28.98 11.76
CA PRO B 129 -11.79 29.27 10.37
C PRO B 129 -10.57 29.31 9.48
N GLN B 130 -10.55 28.47 8.44
CA GLN B 130 -9.43 28.40 7.49
C GLN B 130 -9.30 29.63 6.59
N ARG B 131 -8.56 30.64 7.04
CA ARG B 131 -8.40 31.90 6.32
C ARG B 131 -7.68 31.75 4.99
N SER B 132 -8.11 32.54 4.01
CA SER B 132 -7.60 32.48 2.65
C SER B 132 -6.42 33.43 2.43
N GLN B 133 -6.22 34.35 3.35
CA GLN B 133 -5.10 35.29 3.24
C GLN B 133 -4.52 35.66 4.60
N SER B 134 -3.19 35.68 4.66
CA SER B 134 -2.47 35.98 5.89
C SER B 134 -2.95 37.27 6.55
N ARG B 135 -3.08 37.21 7.87
CA ARG B 135 -3.53 38.39 8.64
C ARG B 135 -2.30 38.98 9.33
N GLN B 136 -1.12 38.47 8.96
CA GLN B 136 0.14 38.94 9.50
C GLN B 136 0.32 38.64 10.99
N VAL B 137 -0.39 37.62 11.49
CA VAL B 137 -0.25 37.21 12.89
C VAL B 137 0.90 36.21 13.05
N ILE B 138 1.34 36.05 14.28
CA ILE B 138 2.42 35.13 14.59
C ILE B 138 1.99 34.19 15.73
N CYS B 139 2.34 32.92 15.63
CA CYS B 139 1.99 31.96 16.68
C CYS B 139 3.19 31.45 17.45
N VAL B 140 3.01 31.30 18.76
CA VAL B 140 4.10 30.94 19.63
C VAL B 140 3.57 30.09 20.77
N PRO B 141 4.38 29.15 21.25
CA PRO B 141 4.01 28.46 22.50
C PRO B 141 4.19 29.44 23.64
N ILE B 142 3.37 29.33 24.69
CA ILE B 142 3.69 30.07 25.91
C ILE B 142 4.13 29.09 27.00
N ILE B 143 4.58 27.91 26.57
CA ILE B 143 5.10 26.90 27.47
C ILE B 143 6.00 25.87 26.72
N GLY B 144 7.06 25.40 27.38
CA GLY B 144 7.96 24.41 26.83
C GLY B 144 7.20 23.13 26.54
N GLY B 145 7.90 22.07 26.17
CA GLY B 145 7.23 20.82 25.82
C GLY B 145 6.80 19.98 27.01
N PRO B 146 5.87 19.05 26.76
CA PRO B 146 5.30 18.10 27.73
C PRO B 146 6.30 17.09 28.24
N SER B 147 7.39 16.88 27.50
CA SER B 147 8.40 15.90 27.85
C SER B 147 7.77 14.53 27.97
N GLY B 148 6.97 14.18 26.98
CA GLY B 148 6.44 12.85 26.93
C GLY B 148 5.16 12.69 27.71
N LYS B 149 4.93 13.57 28.69
CA LYS B 149 3.75 13.48 29.55
C LYS B 149 2.38 13.67 28.86
N LEU B 150 2.35 14.04 27.59
CA LEU B 150 1.10 14.26 26.87
C LEU B 150 1.14 13.61 25.51
N GLU B 151 -0.01 13.18 25.01
CA GLU B 151 -0.06 12.66 23.66
C GLU B 151 0.41 13.72 22.69
N SER B 152 0.86 13.29 21.53
CA SER B 152 1.38 14.22 20.54
C SER B 152 0.36 15.25 20.03
N ARG B 153 -0.88 14.81 19.82
CA ARG B 153 -1.86 15.71 19.24
C ARG B 153 -2.24 16.78 20.21
N TYR B 154 -1.74 16.68 21.43
CA TYR B 154 -2.03 17.69 22.44
C TYR B 154 -0.83 18.58 22.74
N HIS B 155 0.32 18.27 22.12
CA HIS B 155 1.57 18.99 22.35
C HIS B 155 1.41 20.48 22.05
N VAL B 156 2.19 21.31 22.74
CA VAL B 156 2.03 22.76 22.60
C VAL B 156 2.42 23.22 21.20
N ASN B 157 3.54 22.72 20.68
CA ASN B 157 3.93 23.03 19.32
C ASN B 157 2.89 22.53 18.30
N THR B 158 2.40 21.33 18.52
CA THR B 158 1.43 20.75 17.63
C THR B 158 0.31 21.76 17.51
N LEU B 159 -0.14 22.29 18.65
CA LEU B 159 -1.29 23.21 18.64
C LEU B 159 -0.96 24.55 17.97
N THR B 160 0.18 25.13 18.30
CA THR B 160 0.63 26.37 17.68
C THR B 160 0.75 26.22 16.17
N TYR B 161 1.51 25.22 15.75
CA TYR B 161 1.72 25.01 14.32
C TYR B 161 0.41 24.74 13.60
N GLY B 162 -0.47 23.98 14.24
CA GLY B 162 -1.74 23.65 13.63
C GLY B 162 -2.62 24.86 13.44
N ALA B 163 -2.59 25.74 14.41
CA ALA B 163 -3.30 27.01 14.32
C ALA B 163 -2.74 27.85 13.16
N ALA B 164 -1.45 28.12 13.23
CA ALA B 164 -0.78 28.86 12.18
C ALA B 164 -1.30 28.44 10.81
N ALA B 165 -1.62 27.15 10.66
CA ALA B 165 -2.09 26.61 9.39
C ALA B 165 -3.41 27.23 8.97
N ARG B 166 -4.37 27.22 9.89
CA ARG B 166 -5.66 27.84 9.68
C ARG B 166 -5.51 29.32 9.46
N LEU B 167 -4.58 29.94 10.15
CA LEU B 167 -4.44 31.39 10.14
C LEU B 167 -3.48 31.93 9.09
N LYS B 168 -2.86 31.06 8.31
CA LYS B 168 -1.83 31.50 7.39
C LYS B 168 -0.83 32.42 8.08
N ALA B 169 -0.53 32.12 9.33
CA ALA B 169 0.44 32.89 10.12
C ALA B 169 1.73 32.13 10.18
N GLU B 170 2.85 32.83 10.28
CA GLU B 170 4.11 32.16 10.54
C GLU B 170 4.06 31.70 11.98
N SER B 171 4.88 30.71 12.31
CA SER B 171 4.86 30.14 13.66
C SER B 171 6.29 30.02 14.19
N HIS B 172 6.41 29.85 15.51
CA HIS B 172 7.70 29.67 16.14
C HIS B 172 7.59 28.61 17.22
N LEU B 173 8.16 27.45 16.97
CA LEU B 173 8.08 26.30 17.86
C LEU B 173 9.15 26.31 18.94
N ALA B 174 8.84 25.81 20.14
CA ALA B 174 9.79 25.82 21.25
C ALA B 174 10.59 24.52 21.33
N ASP B 175 11.88 24.60 21.65
CA ASP B 175 12.71 23.40 21.65
C ASP B 175 13.20 22.94 23.02
N PHE B 176 12.51 23.36 24.06
CA PHE B 176 12.92 23.10 25.43
C PHE B 176 11.70 22.56 26.15
N PRO B 177 11.93 21.91 27.29
CA PRO B 177 10.80 21.31 28.00
C PRO B 177 10.15 22.34 28.90
N ALA B 178 8.93 22.05 29.36
CA ALA B 178 8.25 22.94 30.28
C ALA B 178 8.77 22.72 31.69
N LEU B 179 9.51 21.63 31.89
CA LEU B 179 9.99 21.28 33.22
C LEU B 179 11.34 20.63 33.12
N LEU B 180 12.25 20.98 34.02
CA LEU B 180 13.53 20.28 34.11
C LEU B 180 13.90 20.00 35.56
N ASP B 181 13.93 18.73 35.91
CA ASP B 181 14.32 18.28 37.24
C ASP B 181 15.45 19.12 37.85
N ASN B 182 16.47 19.34 37.02
CA ASN B 182 17.75 19.98 37.36
C ASN B 182 17.97 21.39 36.77
N PRO B 183 18.40 22.34 37.61
CA PRO B 183 18.58 23.76 37.28
C PRO B 183 19.73 24.08 36.34
N LEU B 184 20.85 23.36 36.41
CA LEU B 184 21.98 23.65 35.52
C LEU B 184 21.43 23.64 34.14
N ILE B 185 20.74 22.56 33.81
CA ILE B 185 20.14 22.38 32.51
C ILE B 185 19.18 23.53 32.22
N ARG B 186 18.28 23.80 33.14
CA ARG B 186 17.29 24.80 32.92
C ARG B 186 17.90 26.14 32.69
N ASN B 187 18.86 26.51 33.49
CA ASN B 187 19.51 27.80 33.32
C ASN B 187 20.31 27.91 32.06
N GLY B 188 20.94 26.83 31.68
CA GLY B 188 21.73 26.80 30.48
C GLY B 188 20.86 27.09 29.31
N ILE B 189 19.64 26.62 29.37
CA ILE B 189 18.65 26.83 28.32
C ILE B 189 18.11 28.28 28.24
N MET B 190 17.83 28.90 29.38
CA MET B 190 17.32 30.26 29.39
C MET B 190 18.35 31.25 28.88
N GLN B 191 19.61 30.83 28.86
CA GLN B 191 20.69 31.70 28.41
C GLN B 191 20.91 31.60 26.91
N SER B 192 20.27 30.60 26.30
CA SER B 192 20.42 30.35 24.86
C SER B 192 19.73 31.41 24.02
N GLN B 193 20.31 31.66 22.84
CA GLN B 193 19.74 32.60 21.88
C GLN B 193 18.29 32.24 21.61
N HIS B 194 18.03 30.94 21.53
CA HIS B 194 16.71 30.46 21.18
C HIS B 194 15.68 30.76 22.24
N PHE B 195 15.97 30.42 23.48
CA PHE B 195 14.99 30.66 24.50
C PHE B 195 14.73 32.14 24.53
N LYS B 196 15.80 32.92 24.36
CA LYS B 196 15.68 34.36 24.43
C LYS B 196 14.71 34.87 23.37
N THR B 197 14.77 34.27 22.20
CA THR B 197 13.89 34.68 21.12
C THR B 197 12.43 34.35 21.42
N ILE B 198 12.17 33.15 21.93
CA ILE B 198 10.79 32.76 22.20
C ILE B 198 10.24 33.54 23.38
N SER B 199 11.09 33.84 24.34
CA SER B 199 10.65 34.62 25.49
C SER B 199 10.38 36.04 25.01
N SER B 200 11.22 36.47 24.07
CA SER B 200 11.08 37.77 23.43
C SER B 200 9.65 38.02 22.99
N TYR B 201 8.99 36.99 22.49
CA TYR B 201 7.60 37.10 22.09
C TYR B 201 6.66 37.15 23.27
N TRP B 202 6.96 36.42 24.33
CA TRP B 202 6.05 36.40 25.46
C TRP B 202 5.89 37.82 26.00
N ASP B 203 6.94 38.61 25.80
CA ASP B 203 6.98 39.93 26.37
C ASP B 203 6.08 40.86 25.61
N SER B 204 5.55 40.41 24.48
CA SER B 204 4.74 41.29 23.63
C SER B 204 3.46 40.63 23.19
N LEU B 205 3.09 39.56 23.89
CA LEU B 205 1.98 38.69 23.52
C LEU B 205 0.66 39.46 23.40
N ASP B 206 -0.06 39.26 22.31
CA ASP B 206 -1.27 40.03 22.06
C ASP B 206 -2.56 39.28 22.41
N VAL B 207 -2.59 37.98 22.14
CA VAL B 207 -3.74 37.15 22.46
C VAL B 207 -3.23 35.80 22.96
N ALA B 208 -3.97 35.16 23.86
CA ALA B 208 -3.55 33.87 24.40
C ALA B 208 -4.67 32.85 24.49
N LEU B 209 -4.54 31.72 23.81
CA LEU B 209 -5.41 30.58 24.06
C LEU B 209 -4.77 29.72 25.15
N VAL B 210 -5.50 29.49 26.23
CA VAL B 210 -4.93 28.90 27.42
C VAL B 210 -5.99 28.04 28.08
N GLY B 211 -5.66 26.81 28.43
CA GLY B 211 -6.63 25.96 29.11
C GLY B 211 -6.25 25.92 30.57
N ILE B 212 -7.16 25.46 31.43
CA ILE B 212 -6.92 25.51 32.88
C ILE B 212 -6.79 24.15 33.54
N GLY B 213 -5.75 23.96 34.34
CA GLY B 213 -5.62 22.75 35.12
C GLY B 213 -6.11 22.88 36.55
N SER B 214 -6.41 21.75 37.21
CA SER B 214 -6.85 21.76 38.60
C SER B 214 -6.31 20.53 39.32
N PRO B 215 -6.57 20.43 40.64
CA PRO B 215 -6.11 19.21 41.32
C PRO B 215 -7.15 18.12 41.17
N ALA B 216 -8.42 18.52 41.26
CA ALA B 216 -9.53 17.57 41.20
C ALA B 216 -9.55 16.82 39.87
N ILE B 217 -8.49 16.99 39.08
CA ILE B 217 -8.31 16.27 37.82
C ILE B 217 -8.13 14.75 37.98
N ARG B 218 -8.76 14.02 37.06
CA ARG B 218 -8.74 12.58 37.03
C ARG B 218 -8.96 12.18 35.59
N ASP B 219 -8.07 12.63 34.71
CA ASP B 219 -8.26 12.50 33.28
C ASP B 219 -6.94 12.33 32.57
N GLY B 220 -6.08 11.46 33.10
CA GLY B 220 -4.76 11.17 32.54
C GLY B 220 -3.77 12.28 32.87
N ALA B 221 -4.08 13.48 32.41
CA ALA B 221 -3.36 14.69 32.76
C ALA B 221 -3.61 15.03 34.23
N ASN B 222 -3.39 14.06 35.11
CA ASN B 222 -3.51 14.27 36.56
C ASN B 222 -2.27 15.01 37.06
N TRP B 223 -2.39 15.68 38.20
CA TRP B 223 -1.24 16.37 38.77
C TRP B 223 -0.20 15.43 39.41
N HIS B 224 -0.67 14.34 40.00
CA HIS B 224 0.23 13.35 40.56
C HIS B 224 0.97 12.69 39.41
N ALA B 225 0.37 12.73 38.23
CA ALA B 225 0.90 12.06 37.05
C ALA B 225 1.94 12.94 36.39
N PHE B 226 1.59 14.22 36.26
CA PHE B 226 2.41 15.19 35.54
C PHE B 226 3.63 15.51 36.39
N TYR B 227 3.38 15.89 37.64
CA TYR B 227 4.41 16.41 38.52
C TYR B 227 4.86 15.36 39.53
N GLY B 228 4.04 14.33 39.67
CA GLY B 228 4.40 13.17 40.48
C GLY B 228 4.19 13.27 41.97
N SER B 229 3.53 12.25 42.52
CA SER B 229 3.42 12.02 43.95
C SER B 229 3.80 13.20 44.83
N GLU B 230 5.07 13.28 45.22
CA GLU B 230 5.50 14.27 46.21
C GLU B 230 5.06 15.69 45.89
N GLU B 231 5.33 16.13 44.67
CA GLU B 231 5.05 17.50 44.26
C GLU B 231 3.56 17.84 44.30
N SER B 232 2.72 16.84 44.10
CA SER B 232 1.28 17.00 44.15
C SER B 232 0.78 17.32 45.58
N ASP B 233 1.49 16.79 46.57
CA ASP B 233 1.18 17.03 47.97
C ASP B 233 1.54 18.46 48.28
N ASP B 234 2.78 18.82 47.97
CA ASP B 234 3.26 20.18 48.21
C ASP B 234 2.31 21.21 47.56
N LEU B 235 1.59 20.78 46.53
CA LEU B 235 0.59 21.63 45.87
C LEU B 235 -0.66 21.70 46.73
N ASN B 236 -1.25 20.55 47.06
CA ASN B 236 -2.42 20.53 47.93
C ASN B 236 -2.11 21.06 49.33
N ALA B 237 -0.84 20.91 49.72
CA ALA B 237 -0.35 21.41 50.98
C ALA B 237 -0.34 22.94 51.01
N ARG B 238 -0.12 23.51 49.85
CA ARG B 238 -0.04 24.94 49.68
C ARG B 238 -1.34 25.53 49.20
N HIS B 239 -2.33 24.68 48.99
CA HIS B 239 -3.61 25.22 48.67
C HIS B 239 -3.87 25.65 47.27
N VAL B 240 -3.08 25.21 46.30
CA VAL B 240 -3.33 25.68 44.96
C VAL B 240 -4.67 25.21 44.47
N ALA B 241 -5.36 26.04 43.71
CA ALA B 241 -6.66 25.71 43.15
C ALA B 241 -6.58 25.34 41.67
N GLY B 242 -5.42 25.58 41.05
CA GLY B 242 -5.29 25.42 39.62
C GLY B 242 -4.08 26.12 39.03
N ASP B 243 -3.96 26.08 37.71
CA ASP B 243 -2.77 26.53 37.01
C ASP B 243 -3.05 26.98 35.56
N ILE B 244 -2.13 27.77 35.04
CA ILE B 244 -2.14 28.17 33.64
C ILE B 244 -0.67 28.22 33.23
N CYS B 245 -0.31 27.48 32.18
CA CYS B 245 1.10 27.33 31.84
C CYS B 245 1.95 27.04 33.05
N SER B 246 1.46 26.09 33.85
CA SER B 246 2.20 25.56 34.99
C SER B 246 2.64 26.63 35.95
N ARG B 247 1.93 27.75 35.92
CA ARG B 247 2.02 28.74 36.98
C ARG B 247 0.89 28.45 37.97
N PHE B 248 1.19 28.46 39.27
CA PHE B 248 0.16 28.08 40.25
C PHE B 248 -0.45 29.22 41.04
N TYR B 249 -1.72 29.07 41.38
CA TYR B 249 -2.44 30.10 42.13
C TYR B 249 -3.52 29.47 43.01
N ASP B 250 -3.88 30.19 44.08
CA ASP B 250 -4.94 29.74 44.99
C ASP B 250 -6.29 30.24 44.55
N ILE B 251 -7.32 29.76 45.21
CA ILE B 251 -8.68 30.06 44.80
C ILE B 251 -9.04 31.54 44.95
N ASN B 252 -8.11 32.36 45.41
CA ASN B 252 -8.36 33.79 45.45
C ASN B 252 -7.56 34.54 44.40
N GLY B 253 -6.78 33.83 43.60
CA GLY B 253 -6.03 34.49 42.55
C GLY B 253 -4.55 34.62 42.84
N GLY B 254 -4.19 34.67 44.11
CA GLY B 254 -2.81 34.89 44.49
C GLY B 254 -1.89 33.82 43.95
N LEU B 255 -0.79 34.25 43.37
CA LEU B 255 0.22 33.31 42.92
C LEU B 255 0.70 32.48 44.11
N VAL B 256 0.76 31.17 43.90
CA VAL B 256 1.40 30.23 44.81
C VAL B 256 2.77 29.91 44.25
N ASP B 257 3.81 29.92 45.10
CA ASP B 257 5.11 29.41 44.70
C ASP B 257 5.31 27.95 45.04
N THR B 258 6.09 27.27 44.23
CA THR B 258 6.29 25.83 44.40
C THR B 258 7.73 25.47 44.12
N ASN B 259 8.17 24.33 44.65
CA ASN B 259 9.53 23.88 44.43
C ASN B 259 9.87 24.05 42.97
N MET B 260 8.84 23.91 42.15
CA MET B 260 8.98 23.85 40.70
C MET B 260 9.35 25.18 40.03
N SER B 261 8.94 26.29 40.63
CA SER B 261 9.11 27.58 40.03
C SER B 261 10.48 27.77 39.44
N GLU B 262 11.50 27.18 40.07
CA GLU B 262 12.88 27.32 39.61
C GLU B 262 13.28 26.25 38.61
N LYS B 263 12.32 25.35 38.31
CA LYS B 263 12.51 24.33 37.29
C LYS B 263 11.71 24.60 36.00
N THR B 264 10.66 25.42 36.10
CA THR B 264 9.74 25.70 35.00
C THR B 264 10.31 26.57 33.88
N LEU B 265 9.91 26.29 32.65
CA LEU B 265 10.21 27.13 31.50
C LEU B 265 8.89 27.50 30.81
N SER B 266 8.28 28.60 31.25
CA SER B 266 7.02 29.03 30.64
C SER B 266 6.79 30.52 30.90
N ILE B 267 5.75 31.08 30.31
CA ILE B 267 5.47 32.50 30.45
C ILE B 267 5.16 32.82 31.90
N GLU B 268 5.59 34.00 32.37
CA GLU B 268 5.25 34.40 33.70
C GLU B 268 3.88 34.94 33.70
N MET B 269 3.21 34.92 34.81
CA MET B 269 1.84 35.39 34.82
C MET B 269 1.78 36.86 34.74
N ALA B 270 2.91 37.51 34.94
CA ALA B 270 2.94 38.91 34.79
C ALA B 270 2.72 39.26 33.38
N LYS B 271 3.26 38.48 32.52
CA LYS B 271 3.19 38.75 31.10
C LYS B 271 1.84 38.35 30.51
N LEU B 272 1.27 37.26 30.99
CA LEU B 272 -0.04 36.85 30.49
C LEU B 272 -1.09 37.94 30.74
N ARG B 273 -0.95 38.64 31.85
CA ARG B 273 -1.89 39.70 32.16
C ARG B 273 -1.71 40.87 31.21
N GLN B 274 -0.48 41.20 30.87
CA GLN B 274 -0.20 42.25 29.90
C GLN B 274 -0.84 42.03 28.53
N ALA B 275 -1.43 40.86 28.33
CA ALA B 275 -2.05 40.49 27.05
C ALA B 275 -3.36 41.23 26.85
N ARG B 276 -3.57 41.72 25.63
CA ARG B 276 -4.84 42.34 25.28
C ARG B 276 -5.98 41.38 25.59
N TYR B 277 -5.91 40.16 25.11
CA TYR B 277 -6.96 39.18 25.37
C TYR B 277 -6.29 37.91 25.84
N SER B 278 -6.73 37.35 26.94
CA SER B 278 -6.11 36.15 27.41
C SER B 278 -7.29 35.33 27.56
N ILE B 279 -7.44 34.35 26.72
CA ILE B 279 -8.58 33.52 26.80
C ILE B 279 -8.46 32.18 27.33
N GLY B 280 -9.12 31.94 28.44
CA GLY B 280 -9.09 30.63 29.06
C GLY B 280 -10.24 29.80 28.54
N ILE B 281 -10.01 28.52 28.31
CA ILE B 281 -11.08 27.65 27.85
C ILE B 281 -11.11 26.36 28.68
N ALA B 282 -12.22 26.16 29.38
CA ALA B 282 -12.40 25.06 30.29
C ALA B 282 -13.84 24.76 30.64
N MET B 283 -14.08 23.58 31.16
CA MET B 283 -15.39 23.15 31.58
C MET B 283 -15.21 22.08 32.60
N GLY B 284 -16.19 21.81 33.41
CA GLY B 284 -16.07 20.71 34.34
C GLY B 284 -16.10 21.03 35.80
N GLU B 285 -17.04 20.40 36.48
CA GLU B 285 -17.24 20.72 37.86
C GLU B 285 -15.97 20.45 38.67
N GLU B 286 -15.06 19.65 38.14
CA GLU B 286 -13.83 19.40 38.87
C GLU B 286 -12.78 20.47 38.59
N LYS B 287 -12.92 21.16 37.47
CA LYS B 287 -12.06 22.30 37.15
C LYS B 287 -12.58 23.61 37.75
N TYR B 288 -13.66 23.54 38.50
CA TYR B 288 -14.23 24.73 39.14
C TYR B 288 -13.22 25.50 39.97
N SER B 289 -12.62 24.82 40.94
CA SER B 289 -11.60 25.43 41.80
C SER B 289 -10.61 26.28 41.00
N GLY B 290 -10.18 25.75 39.85
CA GLY B 290 -9.15 26.39 39.07
C GLY B 290 -9.68 27.45 38.11
N ILE B 291 -10.88 27.26 37.61
CA ILE B 291 -11.49 28.28 36.76
C ILE B 291 -11.68 29.54 37.59
N LEU B 292 -12.22 29.35 38.80
CA LEU B 292 -12.55 30.46 39.68
C LEU B 292 -11.32 31.25 40.04
N GLY B 293 -10.26 30.55 40.42
CA GLY B 293 -9.02 31.20 40.79
C GLY B 293 -8.46 31.98 39.62
N ALA B 294 -8.70 31.51 38.40
CA ALA B 294 -8.19 32.17 37.23
C ALA B 294 -8.92 33.49 36.98
N LEU B 295 -10.20 33.52 37.35
CA LEU B 295 -11.04 34.71 37.26
C LEU B 295 -10.70 35.68 38.37
N HIS B 296 -10.53 35.18 39.58
CA HIS B 296 -10.19 36.06 40.68
C HIS B 296 -8.87 36.79 40.46
N GLY B 297 -7.98 36.20 39.66
CA GLY B 297 -6.69 36.78 39.36
C GLY B 297 -6.62 37.53 38.05
N ARG B 298 -7.71 37.55 37.31
CA ARG B 298 -7.72 38.21 35.99
C ARG B 298 -6.57 37.72 35.11
N TYR B 299 -6.19 36.45 35.31
CA TYR B 299 -5.24 35.75 34.44
C TYR B 299 -5.88 35.47 33.09
N ILE B 300 -7.20 35.62 33.04
CA ILE B 300 -7.92 35.50 31.79
C ILE B 300 -8.95 36.62 31.69
N ASN B 301 -9.06 37.26 30.53
CA ASN B 301 -10.10 38.24 30.28
C ASN B 301 -11.33 37.53 29.83
N CYS B 302 -11.12 36.57 28.94
CA CYS B 302 -12.20 35.85 28.31
C CYS B 302 -12.31 34.43 28.84
N LEU B 303 -13.54 33.92 28.81
CA LEU B 303 -13.82 32.58 29.28
C LEU B 303 -14.70 31.85 28.28
N VAL B 304 -14.27 30.67 27.85
CA VAL B 304 -15.06 29.84 26.94
C VAL B 304 -15.40 28.58 27.68
N THR B 305 -16.68 28.27 27.80
CA THR B 305 -17.10 27.16 28.65
C THR B 305 -18.53 26.73 28.35
N ASN B 306 -18.95 25.59 28.88
CA ASN B 306 -20.29 25.06 28.61
C ASN B 306 -21.32 25.51 29.62
N ARG B 307 -22.57 25.08 29.41
CA ARG B 307 -23.70 25.48 30.26
C ARG B 307 -23.52 25.08 31.71
N GLU B 308 -23.30 23.78 31.95
CA GLU B 308 -23.20 23.28 33.33
C GLU B 308 -22.25 24.11 34.20
N THR B 309 -21.03 24.32 33.72
CA THR B 309 -20.01 25.04 34.49
C THR B 309 -20.37 26.49 34.65
N ALA B 310 -21.02 27.07 33.63
CA ALA B 310 -21.38 28.48 33.68
C ALA B 310 -22.22 28.74 34.93
N GLU B 311 -23.26 27.95 35.12
CA GLU B 311 -24.19 28.12 36.22
C GLU B 311 -23.56 27.82 37.53
N LEU B 312 -22.40 27.24 37.48
CA LEU B 312 -21.74 26.74 38.67
C LEU B 312 -20.99 27.91 39.27
N LEU B 313 -20.48 28.75 38.37
CA LEU B 313 -19.67 29.92 38.69
C LEU B 313 -20.57 31.08 39.09
N LEU B 314 -21.87 30.91 38.82
CA LEU B 314 -22.81 31.98 39.07
C LEU B 314 -23.52 31.84 40.41
N LYS B 315 -23.30 30.75 41.12
CA LYS B 315 -23.90 30.63 42.44
C LYS B 315 -23.23 31.60 43.40
N SER C 4 -36.71 43.41 20.91
CA SER C 4 -35.91 42.76 19.88
C SER C 4 -35.45 41.37 20.31
N ASP C 5 -35.86 40.95 21.50
CA ASP C 5 -35.60 39.60 22.00
C ASP C 5 -36.63 38.60 21.49
N ASP C 6 -37.38 39.00 20.46
CA ASP C 6 -38.30 38.10 19.77
C ASP C 6 -37.53 36.88 19.25
N ILE C 7 -36.23 36.89 19.49
CA ILE C 7 -35.36 35.77 19.20
C ILE C 7 -35.93 34.43 19.72
N ARG C 8 -36.46 34.46 20.92
CA ARG C 8 -36.91 33.29 21.66
C ARG C 8 -37.93 32.59 20.81
N LEU C 9 -38.59 33.39 20.00
CA LEU C 9 -39.60 32.94 19.03
C LEU C 9 -38.94 32.34 17.78
N ILE C 10 -37.92 33.00 17.24
CA ILE C 10 -37.25 32.48 16.04
C ILE C 10 -36.79 31.03 16.24
N VAL C 11 -36.52 30.66 17.49
CA VAL C 11 -36.23 29.26 17.83
C VAL C 11 -37.48 28.40 17.82
N LYS C 12 -38.56 28.94 18.37
CA LYS C 12 -39.83 28.23 18.39
C LYS C 12 -40.47 28.19 16.99
N ILE C 13 -40.11 29.16 16.14
CA ILE C 13 -40.69 29.26 14.80
C ILE C 13 -39.96 28.39 13.79
N ALA C 14 -38.64 28.54 13.72
CA ALA C 14 -37.83 27.66 12.89
C ALA C 14 -37.93 26.24 13.44
N GLN C 15 -38.39 26.11 14.69
CA GLN C 15 -38.61 24.80 15.30
C GLN C 15 -39.68 24.04 14.55
N LEU C 16 -40.82 24.67 14.36
CA LEU C 16 -41.92 24.04 13.63
C LEU C 16 -41.67 24.06 12.12
N TYR C 17 -40.74 24.91 11.67
CA TYR C 17 -40.46 25.05 10.24
C TYR C 17 -39.48 24.00 9.70
N TYR C 18 -38.54 23.58 10.53
CA TYR C 18 -37.51 22.61 10.11
C TYR C 18 -37.62 21.26 10.82
N GLU C 19 -38.66 21.06 11.62
CA GLU C 19 -38.80 19.80 12.35
C GLU C 19 -40.22 19.23 12.31
N GLN C 20 -41.21 20.12 12.36
CA GLN C 20 -42.61 19.71 12.17
C GLN C 20 -43.00 20.09 10.74
N ASP C 21 -42.13 20.87 10.10
CA ASP C 21 -42.33 21.44 8.77
C ASP C 21 -43.76 21.91 8.48
N MET C 22 -44.42 22.44 9.51
CA MET C 22 -45.71 23.10 9.32
C MET C 22 -45.45 24.40 8.56
N THR C 23 -45.96 24.51 7.34
CA THR C 23 -45.67 25.64 6.47
C THR C 23 -45.89 27.01 7.14
N GLN C 24 -45.43 28.09 6.50
CA GLN C 24 -45.54 29.43 7.07
C GLN C 24 -46.98 29.91 7.27
N ALA C 25 -47.93 29.27 6.58
CA ALA C 25 -49.35 29.55 6.79
C ALA C 25 -49.89 28.69 7.94
N GLN C 26 -49.23 27.55 8.15
CA GLN C 26 -49.51 26.66 9.28
C GLN C 26 -48.92 27.20 10.58
N ILE C 27 -47.74 27.80 10.49
CA ILE C 27 -47.11 28.42 11.65
C ILE C 27 -47.83 29.71 12.05
N ALA C 28 -48.33 30.46 11.05
CA ALA C 28 -49.03 31.73 11.30
C ALA C 28 -50.29 31.50 12.12
N ARG C 29 -51.09 30.51 11.71
CA ARG C 29 -52.41 30.29 12.33
C ARG C 29 -52.40 29.57 13.68
N GLU C 30 -51.45 28.66 13.89
CA GLU C 30 -51.43 27.91 15.13
C GLU C 30 -51.03 28.76 16.33
N LEU C 31 -50.05 29.64 16.14
CA LEU C 31 -49.71 30.61 17.20
C LEU C 31 -50.23 32.03 16.93
N GLY C 32 -51.22 32.12 16.04
CA GLY C 32 -51.96 33.37 15.82
C GLY C 32 -51.14 34.56 15.36
N ILE C 33 -50.08 34.30 14.61
CA ILE C 33 -49.21 35.37 14.12
C ILE C 33 -49.41 35.67 12.64
N TYR C 34 -49.32 36.95 12.29
CA TYR C 34 -49.35 37.36 10.90
C TYR C 34 -48.34 36.53 10.12
N ARG C 35 -48.82 35.86 9.07
CA ARG C 35 -47.94 35.07 8.23
C ARG C 35 -46.85 35.93 7.59
N THR C 36 -47.00 37.26 7.66
CA THR C 36 -45.98 38.18 7.13
C THR C 36 -44.86 38.44 8.12
N THR C 37 -45.14 38.16 9.39
CA THR C 37 -44.14 38.26 10.45
C THR C 37 -43.47 36.90 10.70
N ILE C 38 -44.11 35.83 10.24
CA ILE C 38 -43.54 34.48 10.32
C ILE C 38 -42.28 34.32 9.45
N SER C 39 -42.21 35.11 8.38
CA SER C 39 -41.12 35.04 7.39
C SER C 39 -39.91 35.92 7.74
N ARG C 40 -40.15 36.97 8.52
CA ARG C 40 -39.14 37.96 8.89
C ARG C 40 -38.09 37.41 9.91
N LEU C 41 -38.56 36.57 10.85
CA LEU C 41 -37.72 36.07 11.96
C LEU C 41 -36.57 35.18 11.52
N LEU C 42 -36.88 34.18 10.70
CA LEU C 42 -35.87 33.24 10.28
C LEU C 42 -34.70 33.98 9.62
N LYS C 43 -35.02 34.70 8.53
CA LYS C 43 -34.01 35.20 7.61
C LYS C 43 -32.98 36.16 8.21
N ARG C 44 -33.43 37.19 8.92
CA ARG C 44 -32.48 38.15 9.44
C ARG C 44 -31.50 37.49 10.41
N GLY C 45 -31.96 36.46 11.12
CA GLY C 45 -31.13 35.74 12.07
C GLY C 45 -29.87 35.17 11.46
N ARG C 46 -29.99 34.65 10.24
CA ARG C 46 -28.90 33.99 9.53
C ARG C 46 -27.61 34.83 9.48
N GLU C 47 -27.71 36.08 9.90
CA GLU C 47 -26.56 36.98 10.00
C GLU C 47 -25.61 36.47 11.07
N GLN C 48 -26.17 35.92 12.14
CA GLN C 48 -25.33 35.44 13.25
C GLN C 48 -26.05 34.43 14.12
N GLY C 49 -25.66 33.15 14.03
CA GLY C 49 -26.31 32.17 14.87
C GLY C 49 -27.80 32.28 14.66
N ILE C 50 -28.55 32.33 15.75
CA ILE C 50 -30.00 32.44 15.67
C ILE C 50 -30.43 31.30 14.79
N VAL C 51 -29.69 30.17 14.80
CA VAL C 51 -29.87 28.91 13.93
C VAL C 51 -29.17 29.00 12.52
N THR C 52 -27.97 28.41 12.35
CA THR C 52 -27.22 28.44 11.06
C THR C 52 -27.21 26.98 10.50
N ILE C 53 -27.41 26.85 9.18
CA ILE C 53 -27.43 25.56 8.48
C ILE C 53 -26.15 25.55 7.62
N ALA C 54 -25.43 24.43 7.62
CA ALA C 54 -24.16 24.21 6.89
C ALA C 54 -24.41 23.20 5.75
N ILE C 55 -23.95 23.46 4.53
CA ILE C 55 -24.12 22.54 3.41
C ILE C 55 -22.71 22.10 2.95
N ASN C 56 -22.43 20.82 2.88
CA ASN C 56 -21.17 20.23 2.48
C ASN C 56 -21.05 20.06 1.02
N TYR C 57 -20.05 20.74 0.45
CA TYR C 57 -19.81 20.74 -0.96
C TYR C 57 -19.11 19.49 -1.43
N ASP C 58 -18.16 19.01 -0.66
CA ASP C 58 -17.47 17.82 -1.09
C ASP C 58 -18.12 16.74 -0.27
N TYR C 59 -19.05 16.05 -0.90
CA TYR C 59 -19.82 15.03 -0.28
C TYR C 59 -19.59 13.88 -1.16
N ASN C 60 -19.62 12.73 -0.54
CA ASN C 60 -19.37 11.46 -1.23
C ASN C 60 -20.52 10.48 -1.17
N GLU C 61 -21.27 10.40 -2.25
CA GLU C 61 -22.42 9.50 -2.25
C GLU C 61 -22.06 8.04 -1.94
N ASN C 62 -21.10 7.51 -2.67
CA ASN C 62 -20.67 6.13 -2.50
C ASN C 62 -20.30 5.89 -1.04
N LEU C 63 -19.47 6.79 -0.51
CA LEU C 63 -19.03 6.71 0.87
C LEU C 63 -20.25 6.70 1.81
N TRP C 64 -21.22 7.57 1.57
CA TRP C 64 -22.40 7.57 2.40
C TRP C 64 -23.09 6.19 2.37
N LEU C 65 -23.22 5.63 1.17
CA LEU C 65 -23.87 4.32 0.97
C LEU C 65 -23.16 3.18 1.71
N GLU C 66 -21.83 3.26 1.77
CA GLU C 66 -21.05 2.28 2.50
C GLU C 66 -21.44 2.27 3.99
N GLN C 67 -21.44 3.44 4.62
CA GLN C 67 -21.81 3.59 6.03
C GLN C 67 -23.23 3.12 6.29
N GLN C 68 -24.11 3.44 5.34
CA GLN C 68 -25.50 3.03 5.39
C GLN C 68 -25.66 1.51 5.37
N LEU C 69 -24.84 0.88 4.54
CA LEU C 69 -24.81 -0.57 4.46
C LEU C 69 -24.24 -1.14 5.75
N LYS C 70 -23.16 -0.55 6.23
CA LYS C 70 -22.54 -1.05 7.44
C LYS C 70 -23.51 -0.96 8.62
N GLN C 71 -24.22 0.15 8.69
CA GLN C 71 -25.14 0.36 9.79
C GLN C 71 -26.26 -0.68 9.70
N LYS C 72 -26.92 -0.73 8.55
CA LYS C 72 -28.07 -1.61 8.38
C LYS C 72 -27.79 -3.07 8.67
N PHE C 73 -26.60 -3.54 8.27
CA PHE C 73 -26.26 -4.97 8.30
C PHE C 73 -25.15 -5.37 9.27
N GLY C 74 -24.56 -4.40 9.97
CA GLY C 74 -23.51 -4.69 10.91
C GLY C 74 -22.30 -5.31 10.24
N LEU C 75 -21.93 -4.74 9.10
CA LEU C 75 -20.77 -5.18 8.36
C LEU C 75 -19.52 -4.50 8.93
N LYS C 76 -18.43 -5.24 9.08
CA LYS C 76 -17.16 -4.62 9.45
C LYS C 76 -16.71 -3.63 8.37
N GLU C 77 -17.05 -3.90 7.13
CA GLU C 77 -16.70 -2.99 6.08
C GLU C 77 -17.52 -3.22 4.85
N ALA C 78 -17.48 -2.26 3.94
CA ALA C 78 -18.21 -2.36 2.69
C ALA C 78 -17.63 -1.38 1.70
N VAL C 79 -17.71 -1.71 0.41
CA VAL C 79 -17.28 -0.78 -0.63
C VAL C 79 -18.28 -0.76 -1.78
N VAL C 80 -18.80 0.44 -2.06
CA VAL C 80 -19.69 0.67 -3.19
C VAL C 80 -18.92 1.44 -4.28
N ALA C 81 -19.10 1.01 -5.53
CA ALA C 81 -18.30 1.57 -6.64
C ALA C 81 -19.14 2.12 -7.80
N GLU C 90 -20.62 -4.38 -16.92
CA GLU C 90 -19.15 -4.49 -16.92
C GLU C 90 -18.42 -3.36 -16.14
N GLN C 91 -19.19 -2.79 -15.23
CA GLN C 91 -18.82 -2.06 -14.05
C GLN C 91 -18.50 -3.04 -12.89
N LEU C 92 -18.35 -4.30 -13.26
CA LEU C 92 -17.73 -5.32 -12.43
C LEU C 92 -16.25 -4.96 -12.23
N SER C 93 -15.70 -4.19 -13.19
CA SER C 93 -14.32 -3.74 -13.11
C SER C 93 -14.11 -2.65 -12.04
N ALA C 94 -15.10 -1.76 -11.88
CA ALA C 94 -15.06 -0.74 -10.84
C ALA C 94 -15.06 -1.40 -9.47
N MET C 95 -15.91 -2.41 -9.31
CA MET C 95 -15.94 -3.23 -8.09
C MET C 95 -14.61 -3.89 -7.89
N GLY C 96 -14.10 -4.49 -8.96
CA GLY C 96 -12.83 -5.15 -8.91
C GLY C 96 -11.72 -4.30 -8.30
N GLN C 97 -11.61 -3.06 -8.76
CA GLN C 97 -10.50 -2.21 -8.34
C GLN C 97 -10.58 -1.81 -6.89
N HIS C 98 -11.76 -1.43 -6.43
CA HIS C 98 -11.91 -0.96 -5.07
C HIS C 98 -11.95 -2.12 -4.09
N GLY C 99 -12.58 -3.20 -4.48
CA GLY C 99 -12.51 -4.42 -3.70
C GLY C 99 -11.07 -4.78 -3.46
N ALA C 100 -10.30 -4.91 -4.54
CA ALA C 100 -8.88 -5.21 -4.43
C ALA C 100 -8.19 -4.34 -3.38
N LEU C 101 -8.54 -3.07 -3.33
CA LEU C 101 -7.94 -2.17 -2.35
C LEU C 101 -8.37 -2.55 -0.93
N LEU C 102 -9.67 -2.80 -0.76
CA LEU C 102 -10.18 -3.25 0.52
C LEU C 102 -9.40 -4.47 1.00
N VAL C 103 -9.21 -5.43 0.09
CA VAL C 103 -8.49 -6.65 0.42
C VAL C 103 -7.00 -6.39 0.70
N ASP C 104 -6.43 -5.40 0.01
CA ASP C 104 -5.02 -5.07 0.23
C ASP C 104 -4.81 -4.50 1.62
N ARG C 105 -5.69 -3.56 1.98
CA ARG C 105 -5.64 -2.88 3.26
C ARG C 105 -5.84 -3.86 4.41
N LEU C 106 -6.59 -4.92 4.14
CA LEU C 106 -7.02 -5.84 5.20
C LEU C 106 -6.03 -6.94 5.57
N LEU C 107 -5.11 -7.24 4.65
CA LEU C 107 -4.18 -8.34 4.85
C LEU C 107 -3.14 -8.07 5.92
N GLU C 108 -2.97 -9.07 6.78
CA GLU C 108 -1.89 -9.06 7.77
C GLU C 108 -0.93 -10.19 7.48
N PRO C 109 0.36 -9.94 7.72
CA PRO C 109 1.31 -11.04 7.56
C PRO C 109 0.80 -12.29 8.30
N GLY C 110 1.07 -13.47 7.76
CA GLY C 110 0.60 -14.70 8.37
C GLY C 110 -0.86 -15.08 8.13
N ASP C 111 -1.54 -14.33 7.29
CA ASP C 111 -2.94 -14.59 6.99
C ASP C 111 -3.13 -15.77 6.04
N ILE C 112 -4.26 -16.45 6.17
CA ILE C 112 -4.70 -17.45 5.19
C ILE C 112 -5.90 -16.94 4.43
N ILE C 113 -5.71 -16.52 3.18
CA ILE C 113 -6.83 -16.10 2.36
C ILE C 113 -7.44 -17.28 1.63
N GLY C 114 -8.77 -17.40 1.69
CA GLY C 114 -9.46 -18.41 0.91
C GLY C 114 -10.19 -17.77 -0.24
N PHE C 115 -10.37 -18.51 -1.34
CA PHE C 115 -10.99 -18.00 -2.56
C PHE C 115 -12.14 -18.86 -3.07
N SER C 116 -13.14 -18.22 -3.66
CA SER C 116 -14.21 -18.91 -4.36
C SER C 116 -13.99 -18.76 -5.87
N TRP C 117 -15.02 -19.01 -6.66
CA TRP C 117 -14.86 -18.93 -8.12
C TRP C 117 -15.63 -17.78 -8.77
N GLY C 118 -15.43 -17.63 -10.07
CA GLY C 118 -16.32 -16.80 -10.87
C GLY C 118 -15.90 -15.39 -11.22
N ARG C 119 -16.67 -14.79 -12.13
CA ARG C 119 -16.35 -13.49 -12.70
C ARG C 119 -16.08 -12.44 -11.63
N ALA C 120 -16.74 -12.57 -10.48
CA ALA C 120 -16.67 -11.57 -9.41
C ALA C 120 -15.34 -11.60 -8.69
N VAL C 121 -15.01 -12.76 -8.17
CA VAL C 121 -13.77 -12.95 -7.48
C VAL C 121 -12.63 -12.72 -8.43
N ARG C 122 -12.76 -13.14 -9.67
CA ARG C 122 -11.68 -12.94 -10.62
C ARG C 122 -11.47 -11.48 -10.82
N SER C 123 -12.56 -10.74 -10.84
CA SER C 123 -12.48 -9.33 -11.09
C SER C 123 -11.66 -8.67 -10.04
N LEU C 124 -11.81 -9.12 -8.83
CA LEU C 124 -11.12 -8.53 -7.70
C LEU C 124 -9.64 -8.97 -7.62
N VAL C 125 -9.37 -10.24 -7.90
CA VAL C 125 -7.99 -10.73 -7.96
C VAL C 125 -7.21 -10.08 -9.09
N GLU C 126 -7.84 -9.91 -10.25
CA GLU C 126 -7.20 -9.28 -11.40
C GLU C 126 -6.69 -7.87 -11.08
N ASN C 127 -7.14 -7.33 -9.97
CA ASN C 127 -6.78 -5.97 -9.59
C ASN C 127 -5.95 -5.85 -8.32
N LEU C 128 -5.54 -6.96 -7.74
CA LEU C 128 -4.63 -6.89 -6.61
C LEU C 128 -3.34 -6.26 -7.11
N PRO C 129 -2.59 -5.63 -6.18
CA PRO C 129 -1.30 -4.98 -6.45
C PRO C 129 -0.14 -5.95 -6.51
N GLN C 130 0.68 -5.86 -7.55
CA GLN C 130 1.84 -6.72 -7.66
C GLN C 130 2.86 -6.37 -6.58
N ARG C 131 3.25 -7.34 -5.77
CA ARG C 131 4.17 -7.05 -4.69
C ARG C 131 5.57 -7.52 -5.01
N SER C 132 6.56 -6.91 -4.38
CA SER C 132 7.97 -7.18 -4.66
C SER C 132 8.58 -8.19 -3.68
N GLN C 133 8.01 -8.28 -2.49
CA GLN C 133 8.43 -9.28 -1.54
C GLN C 133 7.21 -10.04 -1.07
N SER C 134 7.43 -11.25 -0.55
CA SER C 134 6.30 -12.04 -0.07
C SER C 134 5.58 -11.31 1.05
N ARG C 135 4.26 -11.19 0.91
CA ARG C 135 3.42 -10.60 1.93
C ARG C 135 3.23 -11.57 3.11
N GLN C 136 3.82 -12.76 2.99
CA GLN C 136 3.77 -13.78 4.04
C GLN C 136 2.35 -14.21 4.37
N VAL C 137 1.51 -14.24 3.34
CA VAL C 137 0.18 -14.79 3.47
C VAL C 137 0.09 -16.12 2.70
N ILE C 138 -1.01 -16.85 2.87
CA ILE C 138 -1.16 -18.15 2.21
C ILE C 138 -2.51 -18.27 1.52
N CYS C 139 -2.49 -18.53 0.22
CA CYS C 139 -3.73 -18.60 -0.55
C CYS C 139 -4.20 -20.02 -0.72
N VAL C 140 -5.49 -20.24 -0.49
CA VAL C 140 -6.08 -21.56 -0.70
C VAL C 140 -7.48 -21.42 -1.25
N PRO C 141 -7.99 -22.47 -1.91
CA PRO C 141 -9.37 -22.58 -2.41
C PRO C 141 -10.27 -23.01 -1.28
N ILE C 142 -11.49 -22.52 -1.23
CA ILE C 142 -12.37 -22.98 -0.18
C ILE C 142 -13.50 -23.81 -0.77
N ILE C 143 -13.23 -24.40 -1.95
CA ILE C 143 -14.19 -25.16 -2.73
C ILE C 143 -13.46 -26.02 -3.75
N GLY C 144 -14.05 -27.15 -4.13
CA GLY C 144 -13.47 -28.03 -5.14
C GLY C 144 -13.61 -27.49 -6.56
N GLY C 145 -13.18 -28.28 -7.54
CA GLY C 145 -13.26 -27.89 -8.93
C GLY C 145 -14.64 -27.90 -9.57
N PRO C 146 -14.81 -27.13 -10.64
CA PRO C 146 -16.09 -27.01 -11.37
C PRO C 146 -16.46 -28.28 -12.14
N SER C 147 -15.51 -29.18 -12.34
CA SER C 147 -15.76 -30.36 -13.13
C SER C 147 -16.31 -29.94 -14.49
N GLY C 148 -15.58 -29.04 -15.17
CA GLY C 148 -15.96 -28.59 -16.49
C GLY C 148 -17.03 -27.53 -16.54
N LYS C 149 -17.75 -27.34 -15.43
CA LYS C 149 -18.90 -26.44 -15.41
C LYS C 149 -18.58 -24.93 -15.56
N LEU C 150 -17.30 -24.59 -15.51
CA LEU C 150 -16.85 -23.20 -15.63
C LEU C 150 -15.73 -23.07 -16.62
N GLU C 151 -15.58 -21.89 -17.21
CA GLU C 151 -14.42 -21.65 -18.07
C GLU C 151 -13.18 -21.71 -17.20
N SER C 152 -12.03 -21.96 -17.82
CA SER C 152 -10.81 -22.14 -17.05
C SER C 152 -10.35 -20.90 -16.29
N ARG C 153 -10.48 -19.73 -16.92
CA ARG C 153 -10.00 -18.51 -16.27
C ARG C 153 -10.81 -18.18 -15.01
N TYR C 154 -11.90 -18.90 -14.79
CA TYR C 154 -12.72 -18.70 -13.62
C TYR C 154 -12.57 -19.81 -12.60
N HIS C 155 -11.79 -20.82 -12.94
CA HIS C 155 -11.58 -21.93 -12.02
C HIS C 155 -11.02 -21.40 -10.71
N VAL C 156 -11.50 -21.96 -9.59
CA VAL C 156 -11.06 -21.48 -8.27
C VAL C 156 -9.55 -21.59 -8.08
N ASN C 157 -8.97 -22.68 -8.55
CA ASN C 157 -7.53 -22.88 -8.48
C ASN C 157 -6.81 -21.81 -9.29
N THR C 158 -7.38 -21.42 -10.42
CA THR C 158 -6.77 -20.38 -11.26
C THR C 158 -6.71 -19.09 -10.47
N LEU C 159 -7.86 -18.74 -9.90
CA LEU C 159 -7.97 -17.56 -9.07
C LEU C 159 -7.07 -17.59 -7.82
N THR C 160 -7.03 -18.73 -7.14
CA THR C 160 -6.19 -18.88 -5.96
C THR C 160 -4.75 -18.72 -6.34
N TYR C 161 -4.35 -19.36 -7.44
CA TYR C 161 -2.97 -19.31 -7.89
C TYR C 161 -2.62 -17.90 -8.38
N GLY C 162 -3.53 -17.31 -9.14
CA GLY C 162 -3.33 -15.96 -9.64
C GLY C 162 -3.10 -14.95 -8.53
N ALA C 163 -3.99 -14.97 -7.54
CA ALA C 163 -3.83 -14.12 -6.35
C ALA C 163 -2.47 -14.29 -5.72
N ALA C 164 -2.14 -15.53 -5.41
CA ALA C 164 -0.87 -15.85 -4.79
C ALA C 164 0.28 -15.26 -5.59
N ALA C 165 0.13 -15.23 -6.90
CA ALA C 165 1.19 -14.70 -7.74
C ALA C 165 1.30 -13.18 -7.59
N ARG C 166 0.16 -12.49 -7.52
CA ARG C 166 0.22 -11.05 -7.31
C ARG C 166 0.79 -10.74 -5.94
N LEU C 167 0.46 -11.59 -4.98
CA LEU C 167 0.81 -11.36 -3.58
C LEU C 167 2.14 -11.95 -3.19
N LYS C 168 2.86 -12.48 -4.17
CA LYS C 168 4.10 -13.22 -3.92
C LYS C 168 3.97 -14.14 -2.71
N ALA C 169 3.02 -15.08 -2.77
CA ALA C 169 2.61 -15.82 -1.59
C ALA C 169 2.46 -17.32 -1.84
N GLU C 170 2.57 -18.07 -0.75
CA GLU C 170 2.29 -19.49 -0.71
C GLU C 170 0.89 -19.71 -1.27
N SER C 171 0.68 -20.88 -1.86
CA SER C 171 -0.61 -21.25 -2.43
C SER C 171 -0.72 -22.77 -2.38
N HIS C 172 -1.94 -23.29 -2.20
CA HIS C 172 -2.14 -24.73 -2.11
C HIS C 172 -3.40 -25.15 -2.84
N LEU C 173 -3.23 -25.63 -4.07
CA LEU C 173 -4.35 -25.92 -4.97
C LEU C 173 -5.03 -27.23 -4.62
N ALA C 174 -6.34 -27.31 -4.87
CA ALA C 174 -7.11 -28.51 -4.54
C ALA C 174 -7.33 -29.47 -5.74
N ASP C 175 -7.10 -30.75 -5.51
CA ASP C 175 -7.18 -31.71 -6.59
C ASP C 175 -8.41 -32.60 -6.55
N PHE C 176 -9.48 -32.10 -5.93
CA PHE C 176 -10.74 -32.84 -5.89
C PHE C 176 -11.82 -31.92 -6.45
N PRO C 177 -12.93 -32.49 -6.93
CA PRO C 177 -14.06 -31.73 -7.47
C PRO C 177 -14.91 -31.19 -6.33
N ALA C 178 -15.72 -30.18 -6.61
CA ALA C 178 -16.59 -29.62 -5.58
C ALA C 178 -17.77 -30.56 -5.38
N LEU C 179 -18.11 -31.30 -6.42
CA LEU C 179 -19.33 -32.11 -6.41
C LEU C 179 -19.11 -33.51 -7.00
N LEU C 180 -19.32 -34.53 -6.17
CA LEU C 180 -19.15 -35.90 -6.61
C LEU C 180 -20.48 -36.60 -6.83
N ASP C 181 -20.44 -37.72 -7.58
CA ASP C 181 -21.65 -38.40 -8.00
C ASP C 181 -22.39 -39.05 -6.84
N ASN C 182 -21.65 -39.61 -5.90
CA ASN C 182 -22.27 -40.22 -4.73
C ASN C 182 -21.46 -40.07 -3.43
N PRO C 183 -22.16 -40.02 -2.29
CA PRO C 183 -21.53 -39.82 -0.99
C PRO C 183 -20.35 -40.74 -0.70
N LEU C 184 -20.39 -41.97 -1.18
CA LEU C 184 -19.28 -42.86 -0.85
C LEU C 184 -17.97 -42.41 -1.49
N ILE C 185 -18.06 -41.88 -2.72
CA ILE C 185 -16.88 -41.29 -3.36
C ILE C 185 -16.46 -40.03 -2.62
N ARG C 186 -17.38 -39.16 -2.28
CA ARG C 186 -16.92 -37.99 -1.59
C ARG C 186 -16.32 -38.30 -0.24
N ASN C 187 -16.97 -39.10 0.60
CA ASN C 187 -16.36 -39.31 1.90
C ASN C 187 -15.03 -40.02 1.77
N GLY C 188 -14.90 -40.81 0.72
CA GLY C 188 -13.65 -41.51 0.47
C GLY C 188 -12.55 -40.48 0.30
N ILE C 189 -12.85 -39.48 -0.53
CA ILE C 189 -11.94 -38.37 -0.78
C ILE C 189 -11.65 -37.58 0.50
N MET C 190 -12.64 -37.46 1.36
CA MET C 190 -12.46 -36.70 2.59
C MET C 190 -11.49 -37.40 3.55
N GLN C 191 -11.29 -38.69 3.33
CA GLN C 191 -10.38 -39.48 4.17
C GLN C 191 -8.92 -39.31 3.79
N SER C 192 -8.70 -38.86 2.56
CA SER C 192 -7.36 -38.68 1.99
C SER C 192 -6.53 -37.57 2.65
N GLN C 193 -5.21 -37.78 2.73
CA GLN C 193 -4.35 -36.86 3.45
C GLN C 193 -4.33 -35.49 2.78
N HIS C 194 -4.58 -35.46 1.47
CA HIS C 194 -4.61 -34.19 0.78
C HIS C 194 -5.89 -33.38 1.08
N PHE C 195 -7.05 -34.03 1.14
CA PHE C 195 -8.23 -33.28 1.51
C PHE C 195 -8.11 -32.79 2.92
N LYS C 196 -7.64 -33.67 3.81
CA LYS C 196 -7.41 -33.31 5.20
C LYS C 196 -6.54 -32.06 5.26
N THR C 197 -5.43 -32.08 4.53
CA THR C 197 -4.50 -30.95 4.54
C THR C 197 -5.22 -29.67 4.12
N ILE C 198 -5.95 -29.73 3.01
CA ILE C 198 -6.65 -28.54 2.51
C ILE C 198 -7.64 -28.00 3.53
N SER C 199 -8.61 -28.83 3.88
CA SER C 199 -9.60 -28.44 4.87
C SER C 199 -8.93 -27.86 6.09
N SER C 200 -7.77 -28.43 6.44
CA SER C 200 -7.04 -28.00 7.63
C SER C 200 -6.78 -26.48 7.60
N TYR C 201 -6.50 -25.92 6.43
CA TYR C 201 -6.38 -24.48 6.30
C TYR C 201 -7.74 -23.80 6.46
N TRP C 202 -8.79 -24.43 5.94
CA TRP C 202 -10.15 -23.92 6.10
C TRP C 202 -10.47 -23.66 7.57
N ASP C 203 -10.08 -24.62 8.40
CA ASP C 203 -10.42 -24.64 9.82
C ASP C 203 -9.85 -23.46 10.56
N SER C 204 -9.06 -22.64 9.85
CA SER C 204 -8.44 -21.50 10.49
C SER C 204 -8.08 -20.39 9.49
N LEU C 205 -8.95 -20.17 8.50
CA LEU C 205 -8.63 -19.16 7.50
C LEU C 205 -9.01 -17.78 8.02
N ASP C 206 -8.16 -16.80 7.72
CA ASP C 206 -8.32 -15.45 8.24
C ASP C 206 -9.23 -14.55 7.38
N VAL C 207 -8.90 -14.45 6.11
CA VAL C 207 -9.73 -13.71 5.16
C VAL C 207 -10.29 -14.64 4.10
N ALA C 208 -11.59 -14.54 3.87
CA ALA C 208 -12.21 -15.26 2.78
C ALA C 208 -12.70 -14.28 1.71
N LEU C 209 -12.71 -14.72 0.46
CA LEU C 209 -12.99 -13.85 -0.68
C LEU C 209 -13.92 -14.59 -1.63
N VAL C 210 -15.16 -14.13 -1.71
CA VAL C 210 -16.25 -15.01 -2.12
C VAL C 210 -17.29 -14.39 -3.06
N GLY C 211 -17.75 -15.17 -4.04
CA GLY C 211 -18.85 -14.75 -4.90
C GLY C 211 -20.18 -15.23 -4.37
N ILE C 212 -21.28 -14.72 -4.90
CA ILE C 212 -22.59 -15.11 -4.36
C ILE C 212 -23.55 -15.64 -5.43
N GLY C 213 -23.99 -16.89 -5.26
CA GLY C 213 -24.89 -17.49 -6.22
C GLY C 213 -26.34 -17.18 -5.93
N SER C 214 -27.18 -17.25 -6.96
CA SER C 214 -28.62 -17.11 -6.79
C SER C 214 -29.38 -17.89 -7.87
N PRO C 215 -30.70 -18.08 -7.66
CA PRO C 215 -31.46 -18.84 -8.65
C PRO C 215 -31.71 -17.98 -9.88
N ALA C 216 -31.91 -16.68 -9.64
CA ALA C 216 -32.31 -15.73 -10.67
C ALA C 216 -31.31 -15.61 -11.82
N ASP C 219 -26.94 -16.69 -16.58
CA ASP C 219 -25.66 -16.71 -17.28
C ASP C 219 -25.12 -18.13 -17.20
N GLY C 220 -24.03 -18.42 -17.91
CA GLY C 220 -23.47 -19.77 -17.93
C GLY C 220 -23.48 -20.50 -16.61
N ALA C 221 -23.31 -19.74 -15.52
CA ALA C 221 -23.43 -20.28 -14.17
C ALA C 221 -24.88 -20.28 -13.66
N ASN C 222 -25.80 -20.77 -14.48
CA ASN C 222 -27.18 -21.00 -14.04
C ASN C 222 -27.18 -22.26 -13.20
N TRP C 223 -27.85 -22.23 -12.05
CA TRP C 223 -27.96 -23.43 -11.23
C TRP C 223 -28.54 -24.56 -12.08
N HIS C 224 -29.35 -24.20 -13.06
CA HIS C 224 -29.90 -25.17 -13.99
C HIS C 224 -28.77 -25.89 -14.72
N ALA C 225 -27.88 -25.12 -15.33
CA ALA C 225 -26.78 -25.68 -16.11
C ALA C 225 -25.72 -26.32 -15.22
N PHE C 226 -25.77 -25.99 -13.94
CA PHE C 226 -24.79 -26.43 -12.97
C PHE C 226 -25.14 -27.80 -12.40
N TYR C 227 -26.22 -27.83 -11.61
CA TYR C 227 -26.69 -29.05 -10.96
C TYR C 227 -27.84 -29.74 -11.71
N GLY C 228 -28.36 -29.10 -12.74
CA GLY C 228 -29.35 -29.70 -13.60
C GLY C 228 -30.78 -29.81 -13.08
N SER C 229 -31.58 -28.78 -13.39
CA SER C 229 -33.04 -28.83 -13.35
C SER C 229 -33.69 -29.68 -12.24
N GLU C 230 -33.64 -30.99 -12.40
CA GLU C 230 -34.09 -31.91 -11.35
C GLU C 230 -33.68 -31.33 -10.01
N GLU C 231 -32.39 -31.10 -9.85
CA GLU C 231 -31.89 -30.55 -8.60
C GLU C 231 -32.23 -29.09 -8.31
N SER C 232 -32.14 -28.23 -9.32
CA SER C 232 -32.44 -26.81 -9.11
C SER C 232 -33.94 -26.52 -8.86
N ASP C 233 -34.81 -27.30 -9.52
CA ASP C 233 -36.25 -27.16 -9.32
C ASP C 233 -36.58 -27.51 -7.87
N ASP C 234 -35.76 -28.40 -7.31
CA ASP C 234 -35.90 -28.82 -5.92
C ASP C 234 -35.30 -27.78 -4.96
N LEU C 235 -34.33 -27.00 -5.44
CA LEU C 235 -33.79 -25.91 -4.64
C LEU C 235 -34.85 -24.81 -4.49
N ASN C 236 -35.54 -24.51 -5.58
CA ASN C 236 -36.62 -23.53 -5.52
C ASN C 236 -37.70 -23.95 -4.53
N ALA C 237 -37.89 -25.26 -4.42
CA ALA C 237 -38.84 -25.85 -3.48
C ALA C 237 -38.44 -25.62 -2.02
N ARG C 238 -37.16 -25.69 -1.73
CA ARG C 238 -36.69 -25.52 -0.35
C ARG C 238 -36.51 -24.03 0.02
N HIS C 239 -36.99 -23.15 -0.85
CA HIS C 239 -36.96 -21.69 -0.61
C HIS C 239 -35.55 -21.16 -0.47
N VAL C 240 -34.69 -21.59 -1.38
CA VAL C 240 -33.28 -21.21 -1.33
C VAL C 240 -33.04 -19.88 -2.03
N ALA C 241 -32.48 -18.94 -1.29
CA ALA C 241 -32.27 -17.56 -1.76
C ALA C 241 -30.98 -17.39 -2.56
N GLY C 242 -29.90 -17.96 -2.03
CA GLY C 242 -28.60 -17.84 -2.65
C GLY C 242 -27.76 -18.97 -2.13
N ASP C 243 -26.60 -19.15 -2.73
CA ASP C 243 -25.68 -20.18 -2.28
C ASP C 243 -24.31 -19.61 -2.22
N ILE C 244 -23.51 -20.15 -1.33
CA ILE C 244 -22.12 -19.76 -1.26
C ILE C 244 -21.24 -20.99 -1.18
N CYS C 245 -20.26 -21.09 -2.05
CA CYS C 245 -19.38 -22.21 -1.97
C CYS C 245 -20.23 -23.44 -1.96
N SER C 246 -21.26 -23.43 -2.77
CA SER C 246 -22.16 -24.58 -2.87
C SER C 246 -22.79 -24.96 -1.54
N ARG C 247 -22.84 -24.02 -0.61
CA ARG C 247 -23.66 -24.18 0.58
C ARG C 247 -24.83 -23.21 0.55
N PHE C 248 -26.05 -23.76 0.60
CA PHE C 248 -27.25 -22.97 0.30
C PHE C 248 -27.97 -22.43 1.54
N TYR C 249 -28.53 -21.23 1.42
CA TYR C 249 -29.25 -20.58 2.51
C TYR C 249 -30.57 -19.97 2.01
N ASP C 250 -31.54 -19.81 2.91
CA ASP C 250 -32.82 -19.18 2.56
C ASP C 250 -32.72 -17.66 2.66
N ILE C 251 -33.80 -16.98 2.30
CA ILE C 251 -33.83 -15.51 2.32
C ILE C 251 -33.60 -14.90 3.72
N ASN C 252 -33.87 -15.68 4.76
CA ASN C 252 -33.66 -15.20 6.12
C ASN C 252 -32.31 -15.67 6.64
N GLY C 253 -31.55 -16.30 5.75
CA GLY C 253 -30.25 -16.83 6.05
C GLY C 253 -30.28 -18.06 6.94
N GLY C 254 -30.33 -19.26 6.34
CA GLY C 254 -30.37 -20.50 7.10
C GLY C 254 -30.22 -21.75 6.24
N THR C 258 -30.46 -29.18 -0.79
CA THR C 258 -29.37 -29.62 0.08
C THR C 258 -29.10 -31.11 -0.09
N ASN C 259 -29.70 -31.67 -1.13
CA ASN C 259 -29.60 -33.07 -1.44
C ASN C 259 -28.17 -33.42 -1.70
N MET C 260 -27.47 -32.47 -2.27
CA MET C 260 -26.07 -32.61 -2.62
C MET C 260 -25.11 -32.30 -1.48
N SER C 261 -25.61 -31.95 -0.32
CA SER C 261 -24.70 -31.64 0.76
C SER C 261 -23.84 -32.85 1.12
N GLU C 262 -24.40 -34.03 1.09
CA GLU C 262 -23.65 -35.24 1.42
C GLU C 262 -22.60 -35.53 0.34
N LYS C 263 -22.59 -34.69 -0.70
CA LYS C 263 -21.74 -34.92 -1.86
C LYS C 263 -20.98 -33.66 -2.26
N THR C 264 -20.56 -32.87 -1.28
CA THR C 264 -19.93 -31.59 -1.58
C THR C 264 -18.63 -31.36 -0.82
N LEU C 265 -17.56 -31.12 -1.57
CA LEU C 265 -16.30 -30.76 -0.95
C LEU C 265 -16.13 -29.26 -0.94
N SER C 266 -16.41 -28.64 0.20
CA SER C 266 -16.24 -27.20 0.36
C SER C 266 -16.32 -26.80 1.83
N ILE C 267 -15.85 -25.60 2.12
CA ILE C 267 -15.85 -25.14 3.48
C ILE C 267 -17.27 -25.10 3.99
N GLU C 268 -17.44 -25.47 5.25
CA GLU C 268 -18.74 -25.38 5.91
C GLU C 268 -18.98 -23.94 6.33
N MET C 269 -20.19 -23.43 6.21
CA MET C 269 -20.29 -22.02 6.51
C MET C 269 -19.83 -21.80 7.92
N ALA C 270 -20.23 -22.65 8.82
CA ALA C 270 -19.77 -22.48 10.20
C ALA C 270 -18.32 -22.02 10.26
N LYS C 271 -17.46 -22.69 9.51
CA LYS C 271 -16.05 -22.35 9.49
C LYS C 271 -15.80 -21.01 8.79
N LEU C 272 -16.63 -20.70 7.80
CA LEU C 272 -16.51 -19.46 7.04
C LEU C 272 -16.68 -18.28 7.96
N ARG C 273 -17.49 -18.45 9.00
CA ARG C 273 -17.85 -17.34 9.86
C ARG C 273 -16.79 -17.03 10.91
N GLN C 274 -16.12 -18.07 11.41
CA GLN C 274 -14.98 -17.90 12.30
C GLN C 274 -13.94 -16.98 11.67
N ALA C 275 -14.16 -16.66 10.39
CA ALA C 275 -13.19 -15.91 9.61
C ALA C 275 -13.27 -14.43 9.90
N ARG C 276 -12.14 -13.87 10.29
CA ARG C 276 -12.03 -12.45 10.59
C ARG C 276 -12.81 -11.60 9.59
N TYR C 277 -12.37 -11.59 8.33
CA TYR C 277 -13.14 -10.96 7.27
C TYR C 277 -13.62 -11.97 6.25
N SER C 278 -14.93 -12.07 6.09
CA SER C 278 -15.51 -12.85 4.99
C SER C 278 -16.14 -11.89 3.99
N ILE C 279 -15.42 -11.61 2.90
CA ILE C 279 -15.78 -10.55 1.99
C ILE C 279 -16.56 -11.03 0.77
N GLY C 280 -17.86 -10.80 0.77
CA GLY C 280 -18.67 -11.10 -0.39
C GLY C 280 -18.60 -10.03 -1.47
N ILE C 281 -18.58 -10.46 -2.73
CA ILE C 281 -18.52 -9.52 -3.83
C ILE C 281 -19.53 -9.92 -4.89
N ALA C 282 -20.52 -9.06 -5.07
CA ALA C 282 -21.64 -9.38 -5.93
C ALA C 282 -22.37 -8.10 -6.32
N MET C 283 -23.24 -8.20 -7.32
CA MET C 283 -24.01 -7.08 -7.86
C MET C 283 -25.18 -7.55 -8.72
N GLY C 284 -26.15 -6.67 -8.98
CA GLY C 284 -27.26 -6.99 -9.87
C GLY C 284 -28.53 -7.34 -9.12
N GLU C 285 -29.66 -6.78 -9.54
CA GLU C 285 -30.90 -7.00 -8.83
C GLU C 285 -31.30 -8.45 -8.95
N GLU C 286 -30.77 -9.11 -9.95
CA GLU C 286 -31.08 -10.49 -10.14
C GLU C 286 -30.55 -11.33 -8.98
N LYS C 287 -29.56 -10.82 -8.26
CA LYS C 287 -28.98 -11.54 -7.13
C LYS C 287 -29.36 -10.97 -5.77
N TYR C 288 -30.36 -10.13 -5.70
CA TYR C 288 -30.72 -9.56 -4.41
C TYR C 288 -31.05 -10.57 -3.37
N SER C 289 -31.87 -11.54 -3.72
CA SER C 289 -32.23 -12.58 -2.75
C SER C 289 -30.99 -13.19 -2.11
N GLY C 290 -30.04 -13.59 -2.94
CA GLY C 290 -28.79 -14.18 -2.47
C GLY C 290 -28.00 -13.24 -1.58
N ILE C 291 -27.73 -12.03 -2.09
CA ILE C 291 -27.03 -11.03 -1.32
C ILE C 291 -27.67 -10.82 0.06
N LEU C 292 -28.99 -10.63 0.07
CA LEU C 292 -29.72 -10.46 1.33
C LEU C 292 -29.51 -11.64 2.27
N GLY C 293 -29.80 -12.85 1.79
CA GLY C 293 -29.64 -14.05 2.60
C GLY C 293 -28.25 -14.12 3.17
N ALA C 294 -27.26 -13.90 2.30
CA ALA C 294 -25.86 -13.93 2.69
C ALA C 294 -25.57 -12.95 3.82
N LEU C 295 -26.26 -11.81 3.80
CA LEU C 295 -26.08 -10.78 4.82
C LEU C 295 -26.78 -11.14 6.12
N HIS C 296 -28.01 -11.61 6.00
CA HIS C 296 -28.80 -12.01 7.17
C HIS C 296 -28.10 -13.16 7.86
N GLY C 297 -27.53 -14.07 7.07
CA GLY C 297 -26.84 -15.23 7.61
C GLY C 297 -25.50 -14.94 8.28
N ARG C 298 -24.96 -13.74 8.07
CA ARG C 298 -23.66 -13.38 8.61
C ARG C 298 -22.53 -14.20 7.98
N TYR C 299 -22.86 -14.90 6.89
CA TYR C 299 -21.87 -15.69 6.13
C TYR C 299 -20.80 -14.80 5.53
N ILE C 300 -21.16 -13.55 5.26
CA ILE C 300 -20.18 -12.54 4.87
C ILE C 300 -20.31 -11.34 5.81
N ASN C 301 -19.19 -10.71 6.14
CA ASN C 301 -19.21 -9.51 6.98
C ASN C 301 -18.52 -8.32 6.30
N CYS C 302 -18.39 -8.41 4.99
CA CYS C 302 -17.92 -7.31 4.18
C CYS C 302 -18.64 -7.39 2.87
N LEU C 303 -18.89 -6.25 2.23
CA LEU C 303 -19.58 -6.25 0.96
C LEU C 303 -18.92 -5.34 -0.05
N VAL C 304 -18.50 -5.90 -1.19
CA VAL C 304 -18.04 -5.10 -2.30
C VAL C 304 -19.19 -5.14 -3.30
N THR C 305 -19.57 -3.99 -3.83
CA THR C 305 -20.71 -3.90 -4.74
C THR C 305 -20.79 -2.55 -5.46
N ASN C 306 -21.71 -2.46 -6.42
CA ASN C 306 -21.94 -1.23 -7.18
C ASN C 306 -22.99 -0.36 -6.49
N ARG C 307 -23.08 0.89 -6.95
CA ARG C 307 -24.03 1.88 -6.43
C ARG C 307 -25.48 1.38 -6.56
N GLU C 308 -25.87 1.08 -7.79
CA GLU C 308 -27.22 0.65 -8.08
C GLU C 308 -27.75 -0.39 -7.09
N THR C 309 -27.04 -1.50 -6.92
CA THR C 309 -27.57 -2.60 -6.09
C THR C 309 -27.50 -2.25 -4.61
N ALA C 310 -26.62 -1.33 -4.27
CA ALA C 310 -26.49 -0.86 -2.89
C ALA C 310 -27.77 -0.17 -2.44
N GLU C 311 -28.40 0.56 -3.35
CA GLU C 311 -29.64 1.26 -3.05
C GLU C 311 -30.78 0.25 -2.82
N LEU C 312 -30.84 -0.77 -3.66
CA LEU C 312 -31.81 -1.85 -3.48
C LEU C 312 -31.80 -2.47 -2.08
N LEU C 313 -30.61 -2.61 -1.53
CA LEU C 313 -30.45 -3.28 -0.24
C LEU C 313 -30.79 -2.36 0.90
N LEU C 314 -30.82 -1.05 0.66
CA LEU C 314 -31.12 -0.11 1.71
C LEU C 314 -32.62 0.15 1.86
N LYS C 315 -33.34 0.18 0.74
CA LYS C 315 -34.78 0.42 0.74
C LYS C 315 -35.46 -0.16 2.00
N ASN D 3 9.63 9.83 -18.52
CA ASN D 3 10.08 9.72 -19.89
C ASN D 3 11.57 9.73 -19.99
N SER D 4 12.14 9.32 -21.11
CA SER D 4 13.59 9.28 -21.29
C SER D 4 14.32 10.26 -22.20
N ASP D 5 15.62 10.34 -21.97
CA ASP D 5 16.50 11.22 -22.71
C ASP D 5 16.61 10.84 -24.18
N ASP D 6 17.56 11.42 -24.90
CA ASP D 6 17.82 11.16 -26.31
C ASP D 6 18.01 9.69 -26.59
N ILE D 7 17.55 8.90 -25.67
CA ILE D 7 17.68 7.49 -25.81
C ILE D 7 16.97 7.07 -27.08
N ARG D 8 15.92 7.78 -27.46
CA ARG D 8 15.22 7.39 -28.66
C ARG D 8 16.16 7.50 -29.83
N LEU D 9 16.93 8.56 -29.85
CA LEU D 9 17.84 8.72 -30.95
C LEU D 9 18.85 7.62 -30.95
N ILE D 10 19.34 7.24 -29.78
CA ILE D 10 20.31 6.17 -29.69
C ILE D 10 19.73 4.90 -30.19
N VAL D 11 18.50 4.63 -29.83
CA VAL D 11 17.84 3.41 -30.22
C VAL D 11 17.72 3.37 -31.70
N LYS D 12 17.40 4.50 -32.28
CA LYS D 12 17.27 4.58 -33.71
C LYS D 12 18.55 4.32 -34.42
N ILE D 13 19.63 4.94 -34.00
CA ILE D 13 20.86 4.68 -34.72
C ILE D 13 21.27 3.25 -34.53
N ALA D 14 20.74 2.62 -33.50
CA ALA D 14 21.02 1.22 -33.25
C ALA D 14 20.49 0.40 -34.41
N GLN D 15 19.30 0.74 -34.87
CA GLN D 15 18.68 0.09 -36.02
C GLN D 15 19.53 0.25 -37.29
N LEU D 16 19.85 1.48 -37.65
CA LEU D 16 20.76 1.69 -38.77
C LEU D 16 21.96 0.74 -38.75
N TYR D 17 22.87 0.92 -37.79
CA TYR D 17 24.14 0.22 -37.79
C TYR D 17 24.01 -1.30 -37.66
N TYR D 18 23.00 -1.73 -36.88
CA TYR D 18 22.81 -3.17 -36.55
C TYR D 18 21.81 -3.93 -37.43
N GLU D 19 20.64 -3.34 -37.66
CA GLU D 19 19.66 -3.88 -38.61
C GLU D 19 20.14 -3.80 -40.05
N GLN D 20 20.36 -2.57 -40.54
CA GLN D 20 20.80 -2.28 -41.92
C GLN D 20 22.30 -2.32 -42.14
N ASP D 21 23.05 -2.73 -41.14
CA ASP D 21 24.49 -2.92 -41.30
C ASP D 21 25.20 -1.77 -42.04
N MET D 22 24.67 -0.55 -41.91
CA MET D 22 25.23 0.68 -42.49
C MET D 22 26.44 1.15 -41.74
N THR D 23 27.30 1.89 -42.39
CA THR D 23 28.49 2.35 -41.76
C THR D 23 28.24 3.49 -40.82
N GLN D 24 29.13 3.67 -39.86
CA GLN D 24 28.97 4.75 -38.94
C GLN D 24 29.08 6.01 -39.75
N ALA D 25 30.00 6.06 -40.68
CA ALA D 25 30.12 7.27 -41.48
C ALA D 25 28.87 7.56 -42.28
N GLN D 26 28.29 6.53 -42.88
CA GLN D 26 27.11 6.74 -43.66
C GLN D 26 26.02 7.26 -42.80
N ILE D 27 25.88 6.68 -41.63
CA ILE D 27 24.84 7.09 -40.71
C ILE D 27 25.01 8.50 -40.27
N ALA D 28 26.24 8.85 -39.98
CA ALA D 28 26.50 10.18 -39.52
C ALA D 28 26.12 11.16 -40.58
N ARG D 29 26.48 10.89 -41.83
CA ARG D 29 26.14 11.86 -42.85
C ARG D 29 24.66 11.95 -42.91
N GLU D 30 24.01 10.82 -42.82
CA GLU D 30 22.57 10.81 -42.90
C GLU D 30 21.92 11.56 -41.81
N LEU D 31 22.47 11.47 -40.61
CA LEU D 31 21.77 12.15 -39.53
C LEU D 31 22.33 13.53 -39.23
N GLY D 32 23.35 13.95 -39.97
CA GLY D 32 23.96 15.25 -39.77
C GLY D 32 24.58 15.36 -38.40
N ILE D 33 24.49 14.27 -37.64
CA ILE D 33 25.21 14.11 -36.38
C ILE D 33 26.72 14.11 -36.65
N TYR D 34 27.48 14.81 -35.80
CA TYR D 34 28.94 14.78 -35.93
C TYR D 34 29.41 13.35 -35.91
N ARG D 35 28.61 12.33 -35.93
CA ARG D 35 29.34 11.03 -35.94
C ARG D 35 30.15 10.47 -34.79
N THR D 36 31.12 11.23 -34.30
CA THR D 36 31.92 10.71 -33.22
C THR D 36 30.84 10.48 -32.21
N THR D 37 29.86 11.34 -32.31
CA THR D 37 28.75 11.27 -31.43
C THR D 37 28.15 9.91 -31.68
N ILE D 38 28.15 9.49 -32.92
CA ILE D 38 27.60 8.20 -33.28
C ILE D 38 28.29 7.05 -32.62
N SER D 39 29.60 7.05 -32.63
CA SER D 39 30.27 5.95 -32.01
C SER D 39 29.94 5.97 -30.53
N ARG D 40 29.93 7.14 -29.97
CA ARG D 40 29.63 7.26 -28.56
C ARG D 40 28.28 6.67 -28.24
N LEU D 41 27.29 7.00 -29.04
CA LEU D 41 25.95 6.51 -28.84
C LEU D 41 25.83 5.03 -29.03
N LEU D 42 26.52 4.50 -30.01
CA LEU D 42 26.44 3.09 -30.26
C LEU D 42 26.95 2.43 -29.05
N LYS D 43 28.03 2.97 -28.52
CA LYS D 43 28.64 2.37 -27.37
C LYS D 43 27.72 2.36 -26.21
N ARG D 44 27.08 3.48 -25.98
CA ARG D 44 26.21 3.59 -24.86
C ARG D 44 25.05 2.66 -24.95
N GLY D 45 24.47 2.52 -26.11
CA GLY D 45 23.30 1.69 -26.20
C GLY D 45 23.51 0.26 -25.83
N ARG D 46 24.73 -0.16 -25.94
CA ARG D 46 25.11 -1.53 -25.70
C ARG D 46 25.35 -1.80 -24.21
N GLU D 47 26.03 -0.88 -23.56
CA GLU D 47 26.39 -1.03 -22.16
C GLU D 47 25.20 -0.84 -21.20
N GLN D 48 24.31 0.08 -21.55
CA GLN D 48 23.12 0.32 -20.76
C GLN D 48 21.95 -0.63 -21.05
N GLY D 49 22.25 -1.75 -21.71
CA GLY D 49 21.27 -2.80 -21.93
C GLY D 49 20.04 -2.34 -22.68
N ILE D 50 20.20 -1.28 -23.46
CA ILE D 50 19.15 -0.85 -24.41
C ILE D 50 19.15 -1.82 -25.57
N VAL D 51 20.37 -2.24 -25.91
CA VAL D 51 20.61 -3.19 -26.98
C VAL D 51 21.57 -4.27 -26.51
N THR D 52 21.21 -5.52 -26.73
CA THR D 52 22.01 -6.64 -26.27
C THR D 52 22.22 -7.64 -27.38
N ILE D 53 23.48 -7.84 -27.71
CA ILE D 53 23.89 -8.79 -28.75
C ILE D 53 24.36 -10.11 -28.14
N ALA D 54 23.94 -11.22 -28.75
CA ALA D 54 24.26 -12.54 -28.23
C ALA D 54 24.88 -13.41 -29.34
N ILE D 55 26.07 -13.95 -29.06
CA ILE D 55 26.77 -14.83 -30.01
C ILE D 55 26.70 -16.33 -29.66
N ASN D 56 25.80 -17.07 -30.32
CA ASN D 56 25.79 -18.52 -30.13
C ASN D 56 27.13 -19.10 -30.56
N TYR D 57 28.03 -19.29 -29.61
CA TYR D 57 29.34 -19.84 -29.90
C TYR D 57 29.28 -21.31 -30.27
N ASP D 58 28.37 -22.03 -29.63
CA ASP D 58 28.26 -23.47 -29.79
C ASP D 58 27.37 -23.84 -30.97
N TYR D 59 27.19 -22.94 -31.93
CA TYR D 59 26.23 -23.21 -33.00
C TYR D 59 26.57 -24.53 -33.67
N ASN D 60 27.84 -24.85 -33.73
CA ASN D 60 28.23 -26.01 -34.51
C ASN D 60 28.02 -27.34 -33.79
N GLU D 61 28.54 -27.47 -32.58
CA GLU D 61 28.43 -28.74 -31.86
C GLU D 61 26.99 -29.10 -31.49
N ASN D 62 26.24 -28.12 -31.02
CA ASN D 62 24.83 -28.33 -30.72
C ASN D 62 24.10 -28.88 -31.93
N LEU D 63 24.42 -28.35 -33.10
CA LEU D 63 23.74 -28.76 -34.31
C LEU D 63 24.12 -30.19 -34.67
N TRP D 64 25.41 -30.49 -34.56
CA TRP D 64 25.86 -31.82 -34.87
C TRP D 64 25.19 -32.80 -33.90
N LEU D 65 25.25 -32.48 -32.62
CA LEU D 65 24.62 -33.29 -31.57
C LEU D 65 23.14 -33.51 -31.81
N GLU D 66 22.47 -32.54 -32.41
CA GLU D 66 21.06 -32.68 -32.71
C GLU D 66 20.85 -33.75 -33.79
N GLN D 67 21.74 -33.74 -34.77
CA GLN D 67 21.61 -34.65 -35.89
C GLN D 67 21.94 -36.08 -35.46
N GLN D 68 22.91 -36.23 -34.58
CA GLN D 68 23.23 -37.56 -34.04
C GLN D 68 22.08 -38.14 -33.24
N LEU D 69 21.48 -37.32 -32.40
CA LEU D 69 20.33 -37.77 -31.61
C LEU D 69 19.22 -38.24 -32.52
N LYS D 70 18.95 -37.45 -33.55
CA LYS D 70 17.97 -37.86 -34.55
C LYS D 70 18.36 -39.21 -35.17
N GLN D 71 19.65 -39.38 -35.47
CA GLN D 71 20.14 -40.56 -36.17
C GLN D 71 20.11 -41.82 -35.32
N LYS D 72 20.65 -41.72 -34.10
CA LYS D 72 20.69 -42.84 -33.18
C LYS D 72 19.29 -43.35 -32.80
N PHE D 73 18.37 -42.42 -32.57
CA PHE D 73 17.07 -42.80 -32.02
C PHE D 73 15.90 -42.61 -32.98
N GLY D 74 16.18 -42.07 -34.17
CA GLY D 74 15.11 -41.87 -35.12
C GLY D 74 14.07 -40.93 -34.57
N LEU D 75 14.54 -39.83 -34.00
CA LEU D 75 13.66 -38.77 -33.54
C LEU D 75 13.17 -37.97 -34.74
N LYS D 76 11.91 -37.53 -34.70
CA LYS D 76 11.40 -36.58 -35.68
C LYS D 76 12.22 -35.30 -35.57
N GLU D 77 12.37 -34.80 -34.34
CA GLU D 77 13.07 -33.54 -34.09
C GLU D 77 13.83 -33.55 -32.78
N ALA D 78 14.84 -32.71 -32.65
CA ALA D 78 15.65 -32.68 -31.44
C ALA D 78 16.41 -31.37 -31.27
N VAL D 79 16.41 -30.85 -30.05
CA VAL D 79 17.10 -29.59 -29.74
C VAL D 79 18.01 -29.75 -28.52
N VAL D 80 19.21 -29.20 -28.64
CA VAL D 80 20.22 -29.31 -27.61
C VAL D 80 20.69 -27.92 -27.24
N ALA D 81 20.26 -27.46 -26.09
CA ALA D 81 20.61 -26.16 -25.59
C ALA D 81 21.85 -26.27 -24.78
N SER D 82 22.62 -25.21 -24.72
CA SER D 82 23.83 -25.27 -23.93
C SER D 82 24.00 -23.94 -23.29
N SER D 83 24.53 -23.91 -22.09
CA SER D 83 24.72 -22.65 -21.45
C SER D 83 25.93 -22.69 -20.58
N ASP D 84 26.86 -21.76 -20.76
CA ASP D 84 28.06 -21.76 -19.92
C ASP D 84 27.81 -21.64 -18.41
N GLY D 85 26.94 -20.71 -18.02
CA GLY D 85 26.52 -20.61 -16.64
C GLY D 85 26.01 -21.97 -16.16
N LEU D 86 26.80 -22.66 -15.35
CA LEU D 86 26.45 -24.00 -14.93
C LEU D 86 25.49 -23.99 -13.74
N LEU D 87 24.80 -22.88 -13.54
CA LEU D 87 23.86 -22.79 -12.45
C LEU D 87 22.70 -23.50 -13.08
N GLU D 88 22.08 -24.45 -12.39
CA GLU D 88 20.95 -25.16 -13.00
C GLU D 88 19.72 -24.45 -13.45
N GLU D 89 19.26 -23.46 -12.73
CA GLU D 89 18.06 -22.84 -13.24
C GLU D 89 18.39 -22.23 -14.57
N GLU D 90 19.67 -22.05 -14.88
CA GLU D 90 20.01 -21.45 -16.17
C GLU D 90 20.00 -22.43 -17.33
N GLN D 91 20.39 -23.68 -17.04
CA GLN D 91 20.33 -24.74 -18.05
C GLN D 91 18.89 -24.89 -18.53
N LEU D 92 17.95 -24.80 -17.59
CA LEU D 92 16.54 -24.89 -17.90
C LEU D 92 16.07 -23.79 -18.86
N SER D 93 16.46 -22.55 -18.59
CA SER D 93 16.07 -21.43 -19.44
C SER D 93 16.62 -21.63 -20.85
N ALA D 94 17.84 -22.17 -20.92
CA ALA D 94 18.48 -22.47 -22.19
C ALA D 94 17.58 -23.34 -23.06
N MET D 95 17.13 -24.46 -22.49
CA MET D 95 16.27 -25.42 -23.17
C MET D 95 14.91 -24.80 -23.39
N GLY D 96 14.39 -24.17 -22.34
CA GLY D 96 13.09 -23.55 -22.38
C GLY D 96 12.96 -22.68 -23.60
N GLN D 97 13.87 -21.72 -23.75
CA GLN D 97 13.81 -20.79 -24.88
C GLN D 97 13.74 -21.54 -26.19
N HIS D 98 14.67 -22.47 -26.38
CA HIS D 98 14.77 -23.18 -27.65
C HIS D 98 13.65 -24.19 -27.82
N GLY D 99 13.37 -24.95 -26.77
CA GLY D 99 12.24 -25.84 -26.77
C GLY D 99 10.98 -25.12 -27.24
N ALA D 100 10.75 -23.93 -26.68
CA ALA D 100 9.59 -23.10 -27.01
C ALA D 100 9.51 -22.78 -28.49
N LEU D 101 10.64 -22.33 -29.05
CA LEU D 101 10.70 -22.07 -30.48
C LEU D 101 10.30 -23.31 -31.28
N LEU D 102 10.96 -24.44 -30.96
CA LEU D 102 10.59 -25.70 -31.59
C LEU D 102 9.10 -25.91 -31.49
N VAL D 103 8.55 -25.69 -30.30
CA VAL D 103 7.15 -25.92 -30.08
C VAL D 103 6.32 -24.95 -30.91
N ASP D 104 6.73 -23.68 -30.94
CA ASP D 104 5.93 -22.69 -31.63
C ASP D 104 5.73 -23.04 -33.10
N ARG D 105 6.80 -23.49 -33.76
CA ARG D 105 6.76 -23.77 -35.19
C ARG D 105 6.14 -25.13 -35.55
N LEU D 106 6.01 -26.03 -34.57
CA LEU D 106 5.46 -27.36 -34.82
C LEU D 106 3.92 -27.43 -34.81
N LEU D 107 3.29 -26.59 -33.99
CA LEU D 107 1.84 -26.57 -33.89
C LEU D 107 1.18 -26.33 -35.24
N GLU D 108 0.00 -26.92 -35.41
CA GLU D 108 -0.77 -26.68 -36.62
C GLU D 108 -2.20 -26.44 -36.22
N PRO D 109 -2.83 -25.42 -36.83
CA PRO D 109 -4.22 -25.05 -36.57
C PRO D 109 -5.10 -26.25 -36.24
N GLY D 110 -5.85 -26.15 -35.14
CA GLY D 110 -6.75 -27.22 -34.72
C GLY D 110 -6.15 -28.24 -33.76
N ASP D 111 -4.87 -28.07 -33.44
CA ASP D 111 -4.13 -28.99 -32.57
C ASP D 111 -4.66 -29.08 -31.15
N ILE D 112 -4.54 -30.27 -30.57
CA ILE D 112 -4.72 -30.49 -29.14
C ILE D 112 -3.35 -30.63 -28.43
N ILE D 113 -2.97 -29.66 -27.61
CA ILE D 113 -1.72 -29.77 -26.84
C ILE D 113 -1.99 -30.33 -25.45
N GLY D 114 -1.26 -31.38 -25.08
CA GLY D 114 -1.30 -31.93 -23.74
C GLY D 114 -0.06 -31.56 -22.97
N PHE D 115 -0.22 -31.30 -21.67
CA PHE D 115 0.91 -30.89 -20.84
C PHE D 115 1.06 -31.79 -19.63
N SER D 116 2.29 -32.04 -19.22
CA SER D 116 2.55 -32.71 -17.95
C SER D 116 3.05 -31.69 -16.93
N TRP D 117 3.51 -32.11 -15.76
CA TRP D 117 3.95 -31.17 -14.74
C TRP D 117 5.47 -30.97 -14.70
N GLY D 118 5.92 -30.09 -13.80
CA GLY D 118 7.33 -30.04 -13.42
C GLY D 118 8.20 -28.89 -13.89
N ARG D 119 9.35 -28.74 -13.24
CA ARG D 119 10.32 -27.68 -13.54
C ARG D 119 10.52 -27.49 -15.04
N ALA D 120 10.66 -28.61 -15.74
CA ALA D 120 11.02 -28.59 -17.16
C ALA D 120 9.90 -28.16 -18.09
N VAL D 121 8.77 -28.81 -17.99
CA VAL D 121 7.69 -28.48 -18.85
C VAL D 121 7.37 -27.04 -18.62
N ARG D 122 7.51 -26.59 -17.40
CA ARG D 122 7.20 -25.21 -17.09
C ARG D 122 8.03 -24.20 -17.82
N SER D 123 9.31 -24.42 -17.88
CA SER D 123 10.18 -23.48 -18.54
C SER D 123 9.80 -23.40 -19.98
N LEU D 124 9.52 -24.51 -20.57
CA LEU D 124 9.19 -24.51 -21.98
C LEU D 124 8.02 -23.55 -22.17
N VAL D 125 7.04 -23.66 -21.30
CA VAL D 125 5.87 -22.79 -21.37
C VAL D 125 6.23 -21.32 -21.12
N GLU D 126 6.99 -21.05 -20.06
CA GLU D 126 7.41 -19.68 -19.74
C GLU D 126 7.95 -18.96 -20.95
N ASN D 127 8.58 -19.71 -21.85
CA ASN D 127 9.24 -19.12 -22.98
C ASN D 127 8.46 -19.18 -24.29
N LEU D 128 7.25 -19.71 -24.23
CA LEU D 128 6.39 -19.68 -25.40
C LEU D 128 6.22 -18.26 -25.95
N PRO D 129 6.31 -18.11 -27.28
CA PRO D 129 6.03 -16.84 -27.97
C PRO D 129 4.59 -16.39 -27.78
N GLN D 130 4.41 -15.17 -27.26
CA GLN D 130 3.08 -14.60 -27.02
C GLN D 130 2.34 -14.24 -28.31
N ARG D 131 1.59 -15.18 -28.84
CA ARG D 131 0.85 -14.99 -30.09
C ARG D 131 -0.24 -13.91 -30.02
N SER D 132 -0.39 -13.18 -31.12
CA SER D 132 -1.33 -12.06 -31.20
C SER D 132 -2.70 -12.49 -31.69
N GLN D 133 -2.79 -13.69 -32.23
CA GLN D 133 -4.06 -14.20 -32.72
C GLN D 133 -4.20 -15.70 -32.53
N SER D 134 -5.37 -16.12 -32.09
CA SER D 134 -5.59 -17.52 -31.81
C SER D 134 -5.36 -18.43 -32.97
N ARG D 135 -4.61 -19.49 -32.71
CA ARG D 135 -4.30 -20.49 -33.71
C ARG D 135 -5.38 -21.51 -33.68
N GLN D 136 -6.28 -21.38 -32.73
CA GLN D 136 -7.35 -22.34 -32.68
C GLN D 136 -7.00 -23.67 -32.03
N VAL D 137 -5.90 -23.70 -31.29
CA VAL D 137 -5.43 -24.87 -30.55
C VAL D 137 -6.16 -25.02 -29.22
N ILE D 138 -6.03 -26.20 -28.61
CA ILE D 138 -6.65 -26.47 -27.33
C ILE D 138 -5.64 -27.08 -26.36
N CYS D 139 -5.67 -26.65 -25.11
CA CYS D 139 -4.74 -27.15 -24.11
C CYS D 139 -5.39 -28.01 -23.06
N VAL D 140 -4.73 -29.10 -22.69
CA VAL D 140 -5.28 -30.05 -21.76
C VAL D 140 -4.16 -30.66 -20.92
N PRO D 141 -4.48 -31.02 -19.66
CA PRO D 141 -3.52 -31.79 -18.87
C PRO D 141 -3.54 -33.20 -19.41
N ILE D 142 -2.41 -33.89 -19.37
CA ILE D 142 -2.43 -35.32 -19.66
C ILE D 142 -2.20 -36.11 -18.38
N ILE D 143 -2.48 -35.46 -17.24
CA ILE D 143 -2.35 -36.08 -15.91
C ILE D 143 -3.12 -35.32 -14.86
N GLY D 144 -3.72 -36.04 -13.91
CA GLY D 144 -4.47 -35.42 -12.82
C GLY D 144 -3.58 -34.52 -11.99
N GLY D 145 -4.09 -34.04 -10.86
CA GLY D 145 -3.32 -33.13 -10.01
C GLY D 145 -2.24 -33.78 -9.17
N PRO D 146 -1.24 -32.99 -8.72
CA PRO D 146 -0.12 -33.42 -7.86
C PRO D 146 -0.57 -33.84 -6.47
N SER D 147 -1.77 -33.40 -6.07
CA SER D 147 -2.26 -33.65 -4.72
C SER D 147 -1.30 -33.12 -3.66
N GLY D 148 -0.86 -31.88 -3.84
CA GLY D 148 -0.05 -31.22 -2.84
C GLY D 148 1.42 -31.56 -2.95
N LYS D 149 1.73 -32.66 -3.63
CA LYS D 149 3.12 -33.10 -3.77
C LYS D 149 4.04 -32.20 -4.61
N LEU D 150 3.49 -31.19 -5.27
CA LEU D 150 4.28 -30.25 -6.06
C LEU D 150 3.94 -28.79 -5.73
N GLU D 151 4.92 -27.90 -5.86
CA GLU D 151 4.62 -26.48 -5.74
C GLU D 151 3.58 -26.08 -6.77
N SER D 152 2.82 -25.02 -6.49
CA SER D 152 1.76 -24.59 -7.37
C SER D 152 2.23 -24.18 -8.76
N ARG D 153 3.37 -23.50 -8.84
CA ARG D 153 3.84 -23.02 -10.14
C ARG D 153 4.25 -24.16 -11.05
N TYR D 154 4.27 -25.38 -10.50
CA TYR D 154 4.62 -26.56 -11.28
C TYR D 154 3.42 -27.45 -11.58
N HIS D 155 2.27 -27.13 -10.98
CA HIS D 155 1.04 -27.88 -11.18
C HIS D 155 0.68 -28.05 -12.65
N VAL D 156 0.00 -29.14 -12.99
CA VAL D 156 -0.28 -29.43 -14.39
C VAL D 156 -1.25 -28.43 -15.00
N ASN D 157 -2.29 -28.11 -14.25
CA ASN D 157 -3.24 -27.09 -14.68
C ASN D 157 -2.57 -25.72 -14.83
N THR D 158 -1.77 -25.36 -13.85
CA THR D 158 -1.01 -24.13 -13.92
C THR D 158 -0.33 -24.06 -15.28
N LEU D 159 0.40 -25.13 -15.63
CA LEU D 159 1.16 -25.14 -16.85
C LEU D 159 0.26 -25.03 -18.08
N THR D 160 -0.79 -25.82 -18.11
CA THR D 160 -1.74 -25.83 -19.21
C THR D 160 -2.34 -24.45 -19.41
N TYR D 161 -2.89 -23.92 -18.34
CA TYR D 161 -3.56 -22.65 -18.42
C TYR D 161 -2.57 -21.57 -18.84
N GLY D 162 -1.35 -21.66 -18.32
CA GLY D 162 -0.34 -20.65 -18.58
C GLY D 162 0.05 -20.62 -20.05
N ALA D 163 0.14 -21.81 -20.63
CA ALA D 163 0.43 -21.95 -22.04
C ALA D 163 -0.68 -21.34 -22.87
N ALA D 164 -1.90 -21.82 -22.63
CA ALA D 164 -3.08 -21.29 -23.28
C ALA D 164 -3.02 -19.76 -23.44
N ALA D 165 -2.48 -19.10 -22.41
CA ALA D 165 -2.35 -17.65 -22.39
C ALA D 165 -1.45 -17.17 -23.51
N ARG D 166 -0.27 -17.77 -23.61
CA ARG D 166 0.66 -17.42 -24.67
C ARG D 166 0.06 -17.74 -26.02
N LEU D 167 -0.72 -18.81 -26.08
CA LEU D 167 -1.19 -19.34 -27.34
C LEU D 167 -2.58 -18.84 -27.75
N LYS D 168 -3.19 -18.00 -26.91
CA LYS D 168 -4.56 -17.56 -27.16
C LYS D 168 -5.44 -18.75 -27.48
N ALA D 169 -5.15 -19.88 -26.84
CA ALA D 169 -5.95 -21.09 -27.02
C ALA D 169 -6.88 -21.25 -25.85
N GLU D 170 -8.02 -21.90 -26.07
CA GLU D 170 -8.89 -22.24 -24.96
C GLU D 170 -8.21 -23.39 -24.22
N SER D 171 -8.58 -23.58 -22.97
CA SER D 171 -7.93 -24.57 -22.13
C SER D 171 -8.97 -25.39 -21.39
N HIS D 172 -8.56 -26.57 -20.90
CA HIS D 172 -9.45 -27.43 -20.13
C HIS D 172 -8.71 -28.04 -18.97
N LEU D 173 -9.02 -27.57 -17.76
CA LEU D 173 -8.30 -27.98 -16.56
C LEU D 173 -8.89 -29.26 -15.94
N ALA D 174 -8.04 -30.09 -15.34
CA ALA D 174 -8.49 -31.36 -14.75
C ALA D 174 -8.82 -31.21 -13.28
N ASP D 175 -9.90 -31.85 -12.82
CA ASP D 175 -10.34 -31.66 -11.45
C ASP D 175 -10.18 -32.88 -10.55
N PHE D 176 -9.30 -33.79 -10.95
CA PHE D 176 -9.10 -35.06 -10.25
C PHE D 176 -7.63 -35.20 -10.02
N PRO D 177 -7.24 -36.09 -9.09
CA PRO D 177 -5.82 -36.24 -8.77
C PRO D 177 -5.15 -37.20 -9.74
N ALA D 178 -3.82 -37.18 -9.78
CA ALA D 178 -3.10 -38.14 -10.60
C ALA D 178 -3.02 -39.48 -9.91
N LEU D 179 -3.34 -39.49 -8.62
CA LEU D 179 -3.19 -40.69 -7.81
C LEU D 179 -4.27 -40.75 -6.75
N LEU D 180 -4.79 -41.94 -6.54
CA LEU D 180 -5.82 -42.19 -5.55
C LEU D 180 -5.42 -43.31 -4.64
N ASP D 181 -5.69 -43.15 -3.37
CA ASP D 181 -5.30 -44.14 -2.39
C ASP D 181 -5.94 -45.46 -2.70
N ASN D 182 -7.18 -45.43 -3.12
CA ASN D 182 -7.88 -46.65 -3.44
C ASN D 182 -8.43 -46.79 -4.83
N PRO D 183 -8.37 -47.99 -5.34
CA PRO D 183 -8.90 -48.28 -6.65
C PRO D 183 -10.38 -47.98 -6.80
N LEU D 184 -11.18 -48.21 -5.78
CA LEU D 184 -12.60 -47.94 -5.95
C LEU D 184 -12.88 -46.51 -6.29
N ILE D 185 -12.21 -45.61 -5.61
CA ILE D 185 -12.41 -44.23 -5.87
C ILE D 185 -11.96 -43.91 -7.27
N ARG D 186 -10.82 -44.47 -7.66
CA ARG D 186 -10.30 -44.23 -9.00
C ARG D 186 -11.27 -44.77 -10.03
N ASN D 187 -11.81 -45.96 -9.78
CA ASN D 187 -12.76 -46.57 -10.70
C ASN D 187 -14.03 -45.73 -10.83
N GLY D 188 -14.50 -45.24 -9.69
CA GLY D 188 -15.71 -44.42 -9.65
C GLY D 188 -15.54 -43.13 -10.39
N ILE D 189 -14.36 -42.52 -10.24
CA ILE D 189 -14.06 -41.27 -10.89
C ILE D 189 -13.93 -41.40 -12.37
N MET D 190 -13.46 -42.52 -12.85
CA MET D 190 -13.32 -42.63 -14.28
C MET D 190 -14.65 -42.52 -14.95
N GLN D 191 -15.69 -42.84 -14.20
CA GLN D 191 -17.10 -42.81 -14.63
C GLN D 191 -17.74 -41.46 -14.90
N SER D 192 -17.27 -40.44 -14.22
CA SER D 192 -17.79 -39.10 -14.32
C SER D 192 -17.72 -38.50 -15.69
N GLN D 193 -18.70 -37.68 -16.01
CA GLN D 193 -18.74 -37.03 -17.29
C GLN D 193 -17.51 -36.19 -17.46
N HIS D 194 -17.10 -35.50 -16.41
CA HIS D 194 -15.90 -34.67 -16.52
C HIS D 194 -14.68 -35.45 -16.94
N PHE D 195 -14.39 -36.53 -16.22
CA PHE D 195 -13.21 -37.31 -16.56
C PHE D 195 -13.34 -37.81 -17.98
N LYS D 196 -14.56 -38.16 -18.37
CA LYS D 196 -14.79 -38.65 -19.71
C LYS D 196 -14.47 -37.60 -20.74
N THR D 197 -14.79 -36.35 -20.45
CA THR D 197 -14.49 -35.26 -21.36
C THR D 197 -12.98 -35.01 -21.49
N ILE D 198 -12.27 -35.03 -20.38
CA ILE D 198 -10.84 -34.78 -20.43
C ILE D 198 -10.11 -35.94 -21.10
N SER D 199 -10.56 -37.16 -20.80
CA SER D 199 -9.97 -38.33 -21.43
C SER D 199 -10.30 -38.31 -22.91
N SER D 200 -11.51 -37.84 -23.24
CA SER D 200 -11.94 -37.65 -24.62
C SER D 200 -10.87 -36.94 -25.47
N TYR D 201 -10.17 -35.99 -24.88
CA TYR D 201 -9.12 -35.26 -25.58
C TYR D 201 -7.86 -36.09 -25.69
N TRP D 202 -7.57 -36.89 -24.66
CA TRP D 202 -6.34 -37.66 -24.68
C TRP D 202 -6.36 -38.57 -25.88
N ASP D 203 -7.57 -38.96 -26.27
CA ASP D 203 -7.75 -39.91 -27.36
C ASP D 203 -7.46 -39.28 -28.71
N SER D 204 -7.28 -37.97 -28.74
CA SER D 204 -7.10 -37.26 -30.00
C SER D 204 -5.94 -36.28 -29.94
N LEU D 205 -5.08 -36.47 -28.94
CA LEU D 205 -3.98 -35.57 -28.65
C LEU D 205 -3.04 -35.37 -29.83
N ASP D 206 -2.76 -34.11 -30.18
CA ASP D 206 -1.95 -33.81 -31.36
C ASP D 206 -0.46 -33.54 -31.06
N VAL D 207 -0.21 -32.86 -29.94
CA VAL D 207 1.16 -32.55 -29.51
C VAL D 207 1.24 -32.70 -28.00
N ALA D 208 2.40 -33.06 -27.48
CA ALA D 208 2.55 -33.25 -26.05
C ALA D 208 3.87 -32.67 -25.49
N LEU D 209 3.76 -31.75 -24.54
CA LEU D 209 4.91 -31.37 -23.75
C LEU D 209 4.92 -32.26 -22.50
N VAL D 210 6.02 -32.96 -22.32
CA VAL D 210 6.14 -34.00 -21.32
C VAL D 210 7.56 -34.03 -20.75
N GLY D 211 7.69 -33.99 -19.43
CA GLY D 211 8.98 -34.07 -18.80
C GLY D 211 9.19 -35.47 -18.27
N ILE D 212 10.45 -35.85 -18.04
CA ILE D 212 10.75 -37.23 -17.67
C ILE D 212 11.25 -37.39 -16.24
N GLY D 213 10.68 -38.37 -15.52
CA GLY D 213 11.13 -38.68 -14.17
C GLY D 213 12.05 -39.88 -14.15
N SER D 214 12.87 -40.00 -13.11
CA SER D 214 13.77 -41.11 -12.98
C SER D 214 13.94 -41.38 -11.51
N PRO D 215 14.36 -42.57 -11.18
CA PRO D 215 14.56 -42.94 -9.79
C PRO D 215 15.63 -42.16 -9.08
N ALA D 216 16.73 -41.90 -9.76
CA ALA D 216 17.89 -41.21 -9.20
C ALA D 216 17.63 -39.78 -8.79
N ILE D 217 16.51 -39.24 -9.23
CA ILE D 217 16.23 -37.88 -8.91
C ILE D 217 16.36 -37.71 -7.43
N ARG D 218 17.04 -36.63 -7.06
CA ARG D 218 17.25 -36.25 -5.68
C ARG D 218 16.44 -35.00 -5.44
N ASP D 219 15.61 -34.64 -6.40
CA ASP D 219 14.77 -33.46 -6.32
C ASP D 219 13.76 -33.76 -5.26
N GLY D 220 13.14 -32.74 -4.73
CA GLY D 220 12.14 -33.00 -3.72
C GLY D 220 11.28 -33.90 -4.54
N ALA D 221 11.12 -33.60 -5.82
CA ALA D 221 10.31 -34.50 -6.65
C ALA D 221 10.98 -35.87 -6.72
N ASN D 222 11.36 -36.41 -5.55
CA ASN D 222 11.95 -37.74 -5.46
C ASN D 222 10.83 -38.77 -5.57
N TRP D 223 11.19 -40.01 -5.93
CA TRP D 223 10.18 -41.06 -6.03
C TRP D 223 9.72 -41.59 -4.67
N HIS D 224 10.64 -41.63 -3.71
CA HIS D 224 10.27 -42.05 -2.36
C HIS D 224 9.37 -41.00 -1.75
N ALA D 225 9.49 -39.78 -2.28
CA ALA D 225 8.74 -38.62 -1.77
C ALA D 225 7.34 -38.56 -2.38
N PHE D 226 7.28 -38.78 -3.68
CA PHE D 226 6.04 -38.71 -4.43
C PHE D 226 5.16 -39.91 -4.10
N TYR D 227 5.75 -41.10 -4.25
CA TYR D 227 5.01 -42.36 -4.13
C TYR D 227 5.19 -43.06 -2.76
N GLY D 228 6.19 -42.60 -1.99
CA GLY D 228 6.35 -43.03 -0.62
C GLY D 228 7.04 -44.37 -0.39
N SER D 229 8.22 -44.32 0.23
CA SER D 229 8.93 -45.49 0.74
C SER D 229 8.63 -46.80 0.00
N GLU D 230 7.61 -47.52 0.46
CA GLU D 230 7.32 -48.87 -0.05
C GLU D 230 7.23 -48.94 -1.56
N GLU D 231 6.44 -48.06 -2.15
CA GLU D 231 6.21 -48.07 -3.59
C GLU D 231 7.48 -47.82 -4.41
N SER D 232 8.42 -47.09 -3.83
CA SER D 232 9.69 -46.79 -4.49
C SER D 232 10.56 -48.04 -4.62
N ASP D 233 10.43 -48.94 -3.66
CA ASP D 233 11.15 -50.20 -3.67
C ASP D 233 10.58 -51.07 -4.78
N ASP D 234 9.26 -51.24 -4.75
CA ASP D 234 8.56 -52.05 -5.75
C ASP D 234 8.90 -51.57 -7.16
N LEU D 235 9.28 -50.30 -7.26
CA LEU D 235 9.72 -49.73 -8.53
C LEU D 235 11.16 -50.18 -8.87
N ASN D 236 12.08 -49.94 -7.96
CA ASN D 236 13.46 -50.39 -8.14
C ASN D 236 13.55 -51.91 -8.18
N ALA D 237 12.60 -52.57 -7.50
CA ALA D 237 12.50 -54.02 -7.49
C ALA D 237 12.12 -54.55 -8.87
N ARG D 238 11.40 -53.74 -9.65
CA ARG D 238 11.04 -54.10 -11.02
C ARG D 238 12.01 -53.49 -12.06
N HIS D 239 13.14 -52.97 -11.59
CA HIS D 239 14.18 -52.43 -12.48
C HIS D 239 13.68 -51.30 -13.38
N VAL D 240 12.82 -50.42 -12.85
CA VAL D 240 12.22 -49.36 -13.65
C VAL D 240 13.21 -48.24 -13.92
N ALA D 241 13.30 -47.81 -15.18
CA ALA D 241 14.24 -46.76 -15.57
C ALA D 241 13.66 -45.37 -15.41
N GLY D 242 12.37 -45.23 -15.70
CA GLY D 242 11.71 -43.92 -15.57
C GLY D 242 10.21 -43.88 -15.87
N ASP D 243 9.69 -42.66 -16.03
CA ASP D 243 8.26 -42.46 -16.20
C ASP D 243 7.89 -41.23 -17.04
N ILE D 244 6.67 -41.26 -17.54
CA ILE D 244 6.06 -40.13 -18.22
C ILE D 244 4.57 -40.15 -17.85
N CYS D 245 4.08 -39.07 -17.27
CA CYS D 245 2.73 -39.07 -16.74
C CYS D 245 2.48 -40.29 -15.87
N SER D 246 3.47 -40.57 -15.02
CA SER D 246 3.38 -41.62 -14.02
C SER D 246 3.08 -42.98 -14.60
N ARG D 247 3.36 -43.14 -15.89
CA ARG D 247 3.42 -44.45 -16.52
C ARG D 247 4.85 -44.94 -16.46
N PHE D 248 5.06 -46.19 -16.04
CA PHE D 248 6.42 -46.68 -15.82
C PHE D 248 6.96 -47.61 -16.90
N TYR D 249 8.26 -47.54 -17.11
CA TYR D 249 8.92 -48.34 -18.14
C TYR D 249 10.37 -48.62 -17.75
N ASP D 250 10.90 -49.74 -18.28
CA ASP D 250 12.28 -50.14 -18.04
C ASP D 250 13.21 -49.55 -19.09
N ILE D 251 14.50 -49.71 -18.86
CA ILE D 251 15.51 -49.06 -19.70
C ILE D 251 15.50 -49.59 -21.13
N ASN D 252 14.60 -50.51 -21.44
CA ASN D 252 14.46 -50.98 -22.82
C ASN D 252 13.18 -50.48 -23.47
N GLY D 253 12.38 -49.74 -22.72
CA GLY D 253 11.17 -49.19 -23.28
C GLY D 253 9.91 -49.90 -22.82
N GLY D 254 10.01 -51.17 -22.47
CA GLY D 254 8.85 -51.95 -22.07
C GLY D 254 8.16 -51.45 -20.82
N LEU D 255 6.83 -51.53 -20.79
CA LEU D 255 6.04 -51.16 -19.60
C LEU D 255 6.24 -52.12 -18.40
N SER D 261 -0.90 -48.58 -10.82
CA SER D 261 -1.46 -48.27 -12.15
C SER D 261 -2.99 -48.37 -12.12
N GLU D 262 -3.50 -49.10 -11.14
CA GLU D 262 -4.94 -49.22 -10.89
C GLU D 262 -5.41 -48.09 -9.98
N LYS D 263 -4.47 -47.26 -9.55
CA LYS D 263 -4.76 -46.07 -8.76
C LYS D 263 -4.61 -44.79 -9.58
N THR D 264 -3.84 -44.88 -10.68
CA THR D 264 -3.48 -43.74 -11.53
C THR D 264 -4.61 -43.17 -12.39
N LEU D 265 -4.61 -41.85 -12.55
CA LEU D 265 -5.51 -41.15 -13.45
C LEU D 265 -4.66 -40.29 -14.38
N SER D 266 -4.27 -40.85 -15.52
CA SER D 266 -3.45 -40.14 -16.49
C SER D 266 -3.52 -40.82 -17.84
N ILE D 267 -2.98 -40.17 -18.86
CA ILE D 267 -2.99 -40.72 -20.22
C ILE D 267 -2.25 -42.06 -20.27
N GLU D 268 -2.73 -42.99 -21.08
CA GLU D 268 -1.99 -44.23 -21.31
C GLU D 268 -0.88 -44.00 -22.32
N MET D 269 0.20 -44.76 -22.24
CA MET D 269 1.26 -44.54 -23.21
C MET D 269 0.69 -44.83 -24.57
N ALA D 270 -0.13 -45.85 -24.66
CA ALA D 270 -0.73 -46.15 -25.95
C ALA D 270 -1.11 -44.85 -26.64
N LYS D 271 -1.82 -43.99 -25.93
CA LYS D 271 -2.33 -42.77 -26.54
C LYS D 271 -1.23 -41.75 -26.81
N LEU D 272 -0.24 -41.68 -25.92
CA LEU D 272 0.86 -40.74 -26.10
C LEU D 272 1.59 -41.04 -27.39
N ARG D 273 1.66 -42.32 -27.74
CA ARG D 273 2.36 -42.69 -28.95
C ARG D 273 1.57 -42.26 -30.19
N GLN D 274 0.26 -42.39 -30.13
CA GLN D 274 -0.63 -41.94 -31.22
C GLN D 274 -0.50 -40.46 -31.56
N ALA D 275 0.25 -39.73 -30.75
CA ALA D 275 0.42 -38.29 -30.93
C ALA D 275 1.34 -38.00 -32.09
N ARG D 276 1.02 -36.99 -32.88
CA ARG D 276 1.86 -36.66 -34.00
C ARG D 276 3.22 -36.34 -33.43
N TYR D 277 3.28 -35.55 -32.38
CA TYR D 277 4.57 -35.18 -31.78
C TYR D 277 4.52 -35.36 -30.28
N SER D 278 5.41 -36.13 -29.70
CA SER D 278 5.37 -36.28 -28.28
C SER D 278 6.68 -35.65 -28.05
N ILE D 279 6.72 -34.63 -27.24
CA ILE D 279 7.97 -33.99 -27.01
C ILE D 279 8.41 -34.06 -25.56
N GLY D 280 9.49 -34.77 -25.32
CA GLY D 280 10.02 -34.92 -23.99
C GLY D 280 11.07 -33.85 -23.77
N ILE D 281 11.10 -33.26 -22.60
CA ILE D 281 12.09 -32.25 -22.32
C ILE D 281 12.75 -32.60 -21.01
N ALA D 282 14.06 -32.79 -21.02
CA ALA D 282 14.75 -33.13 -19.81
C ALA D 282 16.24 -32.95 -19.89
N MET D 283 16.87 -32.89 -18.73
CA MET D 283 18.31 -32.74 -18.61
C MET D 283 18.66 -33.48 -17.35
N GLY D 284 19.90 -33.89 -17.16
CA GLY D 284 20.19 -34.60 -15.94
C GLY D 284 21.44 -35.46 -15.80
N GLU D 285 21.34 -36.72 -16.14
CA GLU D 285 22.46 -37.62 -16.03
C GLU D 285 22.04 -38.49 -14.93
N GLU D 286 21.07 -38.04 -14.18
CA GLU D 286 20.56 -38.84 -13.11
C GLU D 286 19.21 -39.06 -13.67
N LYS D 287 19.08 -38.74 -14.93
CA LYS D 287 17.84 -38.89 -15.63
C LYS D 287 18.10 -39.66 -16.89
N TYR D 288 19.35 -40.02 -17.09
CA TYR D 288 19.72 -40.73 -18.26
C TYR D 288 18.96 -42.01 -18.29
N SER D 289 18.95 -42.73 -17.19
CA SER D 289 18.22 -43.99 -17.20
C SER D 289 16.83 -43.83 -17.82
N GLY D 290 16.16 -42.74 -17.43
CA GLY D 290 14.80 -42.48 -17.84
C GLY D 290 14.63 -41.85 -19.20
N ILE D 291 15.59 -41.01 -19.59
CA ILE D 291 15.56 -40.42 -20.91
C ILE D 291 15.73 -41.55 -21.92
N LEU D 292 16.71 -42.41 -21.65
CA LEU D 292 17.02 -43.49 -22.57
C LEU D 292 15.83 -44.42 -22.77
N GLY D 293 15.20 -44.83 -21.68
CA GLY D 293 14.04 -45.70 -21.76
C GLY D 293 12.90 -45.06 -22.55
N ALA D 294 12.81 -43.74 -22.49
CA ALA D 294 11.77 -43.01 -23.18
C ALA D 294 12.00 -43.01 -24.70
N LEU D 295 13.27 -43.05 -25.08
CA LEU D 295 13.66 -43.14 -26.47
C LEU D 295 13.54 -44.57 -27.01
N HIS D 296 13.94 -45.54 -26.20
CA HIS D 296 13.80 -46.92 -26.61
C HIS D 296 12.34 -47.30 -26.87
N GLY D 297 11.42 -46.63 -26.17
CA GLY D 297 10.00 -46.92 -26.31
C GLY D 297 9.28 -46.02 -27.29
N ARG D 298 9.99 -45.05 -27.87
CA ARG D 298 9.38 -44.08 -28.75
C ARG D 298 8.14 -43.43 -28.11
N TYR D 299 8.19 -43.28 -26.78
CA TYR D 299 7.19 -42.52 -26.04
C TYR D 299 7.34 -41.03 -26.33
N ILE D 300 8.46 -40.68 -26.95
CA ILE D 300 8.71 -39.32 -27.37
C ILE D 300 9.33 -39.33 -28.76
N ASN D 301 8.84 -38.46 -29.65
CA ASN D 301 9.43 -38.28 -30.97
C ASN D 301 10.55 -37.28 -30.88
N CYS D 302 10.29 -36.23 -30.12
CA CYS D 302 11.21 -35.14 -29.99
C CYS D 302 11.87 -35.12 -28.62
N LEU D 303 13.05 -34.55 -28.58
CA LEU D 303 13.82 -34.45 -27.36
C LEU D 303 14.41 -33.05 -27.27
N VAL D 304 14.22 -32.41 -26.13
CA VAL D 304 14.81 -31.10 -25.86
C VAL D 304 15.69 -31.25 -24.64
N THR D 305 16.97 -30.93 -24.78
CA THR D 305 17.92 -31.22 -23.72
C THR D 305 19.21 -30.41 -23.89
N ASN D 306 20.08 -30.41 -22.88
CA ASN D 306 21.30 -29.61 -22.94
C ASN D 306 22.50 -30.38 -23.49
N ARG D 307 23.66 -29.72 -23.58
CA ARG D 307 24.86 -30.31 -24.15
C ARG D 307 25.31 -31.54 -23.38
N GLU D 308 25.53 -31.45 -22.10
CA GLU D 308 26.00 -32.63 -21.42
C GLU D 308 25.12 -33.81 -21.52
N THR D 309 23.83 -33.64 -21.35
CA THR D 309 23.00 -34.79 -21.45
C THR D 309 23.09 -35.40 -22.81
N ALA D 310 23.18 -34.59 -23.83
CA ALA D 310 23.26 -35.16 -25.14
C ALA D 310 24.54 -35.94 -25.26
N GLU D 311 25.61 -35.42 -24.71
CA GLU D 311 26.87 -36.13 -24.82
C GLU D 311 26.71 -37.50 -24.24
N LEU D 312 26.03 -37.59 -23.12
CA LEU D 312 25.82 -38.85 -22.48
C LEU D 312 25.04 -39.83 -23.28
N LEU D 313 24.04 -39.38 -24.01
CA LEU D 313 23.23 -40.30 -24.78
C LEU D 313 23.78 -40.85 -26.08
N LEU D 314 24.94 -40.37 -26.49
CA LEU D 314 25.63 -40.69 -27.72
C LEU D 314 26.80 -41.65 -27.51
N LYS D 315 27.13 -41.93 -26.26
CA LYS D 315 28.21 -42.86 -25.93
C LYS D 315 28.14 -43.30 -24.48
#